data_4FPE
#
_entry.id   4FPE
#
_cell.length_a   76.229
_cell.length_b   82.480
_cell.length_c   116.248
_cell.angle_alpha   90.000
_cell.angle_beta   90.000
_cell.angle_gamma   90.000
#
_symmetry.space_group_name_H-M   'P 21 21 21'
#
loop_
_entity.id
_entity.type
_entity.pdbx_description
1 polymer 'Sialidase B'
2 non-polymer '2-[(4-methoxybenzyl)amino]ethanesulfonic acid'
3 non-polymer 'DIMETHYL SULFOXIDE'
4 water water
#
_entity_poly.entity_id   1
_entity_poly.type   'polypeptide(L)'
_entity_poly.pdbx_seq_one_letter_code
;MNKRGLYSKLGISVVGISLLMGVPTLIHANELNYGQLSISPIFQGGSYQLNNKSIDISSLLLDKLSGESQTVVMKFKADK
PNSLQALFGLSNSKAGFKNNYFSIFMRDSGEIGVEIRDAQKGINYLFSRPASLWGKHKGQAVENTLVFVSDSKDKTYTMY
VNGIEVFSETVDTFLPISNINGIDKATLGAVNREGKEHYLAKGSIDEISLFNKAISDQEVSTIPLSNPFQLIFQSGDSTQ
ANYFRIPTLYTLSSGRVLSSIDARYGGTHDSKSKINIATSYSDDNGKTWSEPIFAMKFNDYEEQLVYWPRDNKLKNSQIS
GSASFIDSSIVEDKKSGKTILLADVMPAGIGNNNANKADSGFKEINGHYYLKLKKNGDNDFRYTVRENGVVYNETTNKPT
NYTINDKYEVLEGGKSLTVEQYSVDFDSGSLRERHNGKQVPMNVFYKDSLFKVTPTNYIAMTTSQNRGESWEQFKLLPPF
LGEKHNGTYLCPGQGLALKSSNRLIFATYTSGELTYLISDDSGQTWKKSSASIPFKNATAEAQMVELRDGVIRTFFRTTT
GKIAYMTSRDSGETWSKVSYIDGIQQTSYGTQVSAIKYSQLIDGKEAVILSTPNSRSGRKGGQLVVGLVNKEDDSIDWKY
HYDIDLPSYGYAYSAITELPNHHIGVLFEKYDSWSRNELHLSNVVQYIDLEINDLTK
;
_entity_poly.pdbx_strand_id   A
#
loop_
_chem_comp.id
_chem_comp.type
_chem_comp.name
_chem_comp.formula
0H9 non-polymer '2-[(4-methoxybenzyl)amino]ethanesulfonic acid' 'C10 H15 N O4 S'
DMS non-polymer 'DIMETHYL SULFOXIDE' 'C2 H6 O S'
#
# COMPACT_ATOMS: atom_id res chain seq x y z
N ILE A 39 -3.94 37.07 10.08
CA ILE A 39 -3.94 37.18 8.62
C ILE A 39 -5.26 36.67 8.04
N SER A 40 -6.18 37.60 7.79
CA SER A 40 -7.59 37.30 7.52
C SER A 40 -7.89 36.95 6.07
N PRO A 41 -9.05 36.29 5.84
CA PRO A 41 -9.47 36.06 4.46
C PRO A 41 -10.02 37.34 3.84
N ILE A 42 -9.84 37.49 2.53
CA ILE A 42 -10.40 38.60 1.77
C ILE A 42 -11.81 38.23 1.35
N PHE A 43 -12.14 36.96 1.51
CA PHE A 43 -13.47 36.45 1.21
C PHE A 43 -13.71 35.21 2.03
N GLN A 44 -14.91 35.12 2.59
CA GLN A 44 -15.31 33.94 3.34
C GLN A 44 -16.81 33.73 3.14
N GLY A 45 -17.17 32.51 2.73
CA GLY A 45 -18.55 32.18 2.44
C GLY A 45 -18.81 30.72 2.75
N GLY A 46 -20.07 30.36 2.92
CA GLY A 46 -20.38 29.01 3.34
C GLY A 46 -21.77 28.55 3.00
N SER A 47 -22.02 27.26 3.24
CA SER A 47 -23.30 26.61 2.91
C SER A 47 -23.73 26.91 1.47
N TYR A 48 -22.91 26.48 0.50
CA TYR A 48 -23.31 26.52 -0.89
C TYR A 48 -23.71 25.13 -1.35
N GLN A 49 -24.88 25.03 -1.98
CA GLN A 49 -25.34 23.76 -2.52
C GLN A 49 -25.12 23.76 -4.03
N LEU A 50 -24.27 22.85 -4.49
CA LEU A 50 -24.03 22.74 -5.93
C LEU A 50 -24.93 21.63 -6.49
N ASN A 51 -26.02 22.01 -7.16
CA ASN A 51 -26.97 21.04 -7.71
C ASN A 51 -27.09 21.19 -9.22
N ASN A 52 -25.95 21.01 -9.90
CA ASN A 52 -25.87 21.22 -11.34
C ASN A 52 -26.30 22.63 -11.76
N LYS A 53 -25.95 23.60 -10.93
CA LYS A 53 -26.24 25.00 -11.19
C LYS A 53 -25.19 25.85 -10.49
N SER A 54 -24.35 26.52 -11.28
CA SER A 54 -23.25 27.30 -10.74
C SER A 54 -23.75 28.47 -9.90
N ILE A 55 -22.91 28.93 -8.98
CA ILE A 55 -23.22 30.07 -8.13
C ILE A 55 -22.23 31.19 -8.42
N ASP A 56 -22.75 32.37 -8.75
CA ASP A 56 -21.90 33.51 -9.08
C ASP A 56 -21.51 34.31 -7.84
N ILE A 57 -20.22 34.35 -7.53
CA ILE A 57 -19.72 35.12 -6.39
C ILE A 57 -18.76 36.22 -6.85
N SER A 58 -18.85 36.59 -8.13
CA SER A 58 -17.95 37.58 -8.73
C SER A 58 -17.96 38.89 -7.96
N SER A 59 -19.15 39.41 -7.68
CA SER A 59 -19.30 40.70 -6.97
C SER A 59 -18.64 40.66 -5.61
N LEU A 60 -18.74 39.50 -4.95
CA LEU A 60 -18.18 39.31 -3.61
C LEU A 60 -16.64 39.15 -3.59
N LEU A 61 -16.08 38.60 -4.67
CA LEU A 61 -14.69 38.16 -4.62
C LEU A 61 -13.70 38.90 -5.53
N LEU A 62 -14.09 39.13 -6.78
CA LEU A 62 -13.13 39.60 -7.79
C LEU A 62 -12.36 40.88 -7.43
N ASP A 63 -13.06 41.88 -6.87
CA ASP A 63 -12.40 43.14 -6.50
C ASP A 63 -11.53 43.01 -5.25
N LYS A 64 -11.68 41.90 -4.52
CA LYS A 64 -10.87 41.63 -3.33
C LYS A 64 -9.51 41.03 -3.69
N LEU A 65 -9.44 40.39 -4.86
CA LEU A 65 -8.22 39.69 -5.28
C LEU A 65 -7.10 40.67 -5.60
N SER A 66 -5.92 40.47 -5.01
CA SER A 66 -4.83 41.39 -5.27
C SER A 66 -3.47 40.77 -4.97
N GLY A 67 -2.46 41.23 -5.70
CA GLY A 67 -1.14 40.63 -5.61
C GLY A 67 -1.13 39.32 -6.38
N GLU A 68 0.00 38.65 -6.40
CA GLU A 68 0.16 37.48 -7.26
C GLU A 68 0.15 36.13 -6.54
N SER A 69 0.03 36.15 -5.20
CA SER A 69 -0.04 34.92 -4.42
C SER A 69 -1.41 34.78 -3.77
N GLN A 70 -2.00 33.59 -3.87
CA GLN A 70 -3.30 33.34 -3.26
C GLN A 70 -3.38 31.96 -2.59
N THR A 71 -4.22 31.85 -1.58
CA THR A 71 -4.52 30.56 -0.95
C THR A 71 -6.02 30.38 -0.97
N VAL A 72 -6.47 29.22 -1.45
CA VAL A 72 -7.88 28.84 -1.38
C VAL A 72 -8.06 27.74 -0.34
N VAL A 73 -8.89 27.98 0.67
CA VAL A 73 -9.25 26.93 1.61
C VAL A 73 -10.72 26.59 1.38
N MET A 74 -11.02 25.31 1.20
CA MET A 74 -12.38 24.92 0.88
C MET A 74 -12.77 23.61 1.59
N LYS A 75 -13.89 23.63 2.30
CA LYS A 75 -14.43 22.42 2.90
C LYS A 75 -15.68 22.02 2.14
N PHE A 76 -15.63 20.83 1.53
CA PHE A 76 -16.69 20.45 0.59
C PHE A 76 -17.05 18.95 0.69
N LYS A 77 -18.28 18.64 0.28
CA LYS A 77 -18.75 17.27 0.21
C LYS A 77 -19.12 17.00 -1.23
N ALA A 78 -18.92 15.76 -1.65
CA ALA A 78 -19.37 15.32 -2.96
C ALA A 78 -19.49 13.81 -2.87
N ASP A 79 -20.68 13.35 -2.49
CA ASP A 79 -20.92 11.92 -2.37
C ASP A 79 -21.59 11.35 -3.62
N LYS A 80 -22.02 12.24 -4.52
CA LYS A 80 -22.59 11.79 -5.80
C LYS A 80 -22.03 12.61 -6.95
N PRO A 81 -20.68 12.69 -7.07
CA PRO A 81 -20.11 13.62 -8.04
C PRO A 81 -20.47 13.28 -9.48
N ASN A 82 -20.51 14.29 -10.33
CA ASN A 82 -20.54 14.07 -11.78
C ASN A 82 -19.18 13.53 -12.22
N SER A 83 -19.06 13.10 -13.48
CA SER A 83 -17.83 12.46 -13.95
C SER A 83 -16.61 13.38 -13.80
N LEU A 84 -16.80 14.64 -14.16
CA LEU A 84 -15.77 15.66 -14.09
C LEU A 84 -16.46 16.95 -13.71
N GLN A 85 -16.05 17.54 -12.59
CA GLN A 85 -16.72 18.76 -12.16
C GLN A 85 -15.76 19.73 -11.51
N ALA A 86 -16.00 21.02 -11.75
CA ALA A 86 -15.23 22.06 -11.11
C ALA A 86 -15.94 22.51 -9.84
N LEU A 87 -15.16 22.69 -8.77
CA LEU A 87 -15.70 23.16 -7.51
C LEU A 87 -15.65 24.67 -7.48
N PHE A 88 -14.64 25.22 -8.16
CA PHE A 88 -14.35 26.65 -8.09
C PHE A 88 -13.68 27.09 -9.37
N GLY A 89 -14.12 28.22 -9.90
CA GLY A 89 -13.54 28.76 -11.11
C GLY A 89 -13.38 30.27 -11.05
N LEU A 90 -12.27 30.75 -11.62
CA LEU A 90 -12.10 32.18 -11.93
C LEU A 90 -11.86 32.21 -13.42
N SER A 91 -12.70 32.93 -14.16
CA SER A 91 -12.63 32.85 -15.62
C SER A 91 -12.90 34.15 -16.36
N ASN A 92 -12.31 34.27 -17.54
CA ASN A 92 -12.73 35.26 -18.52
C ASN A 92 -13.91 34.63 -19.23
N SER A 93 -15.12 35.15 -18.98
CA SER A 93 -16.33 34.56 -19.56
C SER A 93 -16.60 35.03 -20.99
N LYS A 94 -15.74 35.89 -21.53
CA LYS A 94 -16.06 36.53 -22.83
C LYS A 94 -15.79 35.66 -24.06
N ALA A 95 -16.49 35.98 -25.14
CA ALA A 95 -16.33 35.28 -26.41
C ALA A 95 -14.86 35.27 -26.84
N GLY A 96 -14.37 34.12 -27.31
CA GLY A 96 -13.00 34.03 -27.78
C GLY A 96 -11.94 33.86 -26.70
N PHE A 97 -12.35 33.82 -25.43
CA PHE A 97 -11.41 33.63 -24.33
C PHE A 97 -11.72 32.41 -23.47
N LYS A 98 -12.18 31.33 -24.11
CA LYS A 98 -12.63 30.14 -23.40
C LYS A 98 -11.51 29.38 -22.70
N ASN A 99 -10.26 29.73 -23.01
CA ASN A 99 -9.12 29.07 -22.42
C ASN A 99 -8.34 30.00 -21.49
N ASN A 100 -9.06 30.95 -20.91
CA ASN A 100 -8.51 31.86 -19.92
C ASN A 100 -9.26 31.70 -18.63
N TYR A 101 -8.84 30.72 -17.83
CA TYR A 101 -9.48 30.46 -16.55
C TYR A 101 -8.56 29.70 -15.60
N PHE A 102 -8.84 29.88 -14.30
CA PHE A 102 -8.32 29.02 -13.27
C PHE A 102 -9.50 28.20 -12.75
N SER A 103 -9.27 26.92 -12.47
CA SER A 103 -10.29 26.09 -11.86
C SER A 103 -9.70 25.10 -10.86
N ILE A 104 -10.48 24.75 -9.84
CA ILE A 104 -10.20 23.58 -9.01
C ILE A 104 -11.25 22.55 -9.40
N PHE A 105 -10.80 21.38 -9.87
CA PHE A 105 -11.74 20.37 -10.35
C PHE A 105 -11.51 19.03 -9.68
N MET A 106 -12.52 18.16 -9.80
CA MET A 106 -12.40 16.79 -9.33
C MET A 106 -13.04 15.85 -10.36
N ARG A 107 -12.72 14.57 -10.25
CA ARG A 107 -13.34 13.54 -11.09
C ARG A 107 -14.04 12.54 -10.19
N ASP A 108 -14.96 11.75 -10.74
CA ASP A 108 -15.66 10.79 -9.91
C ASP A 108 -14.77 9.59 -9.54
N SER A 109 -13.52 9.60 -10.01
CA SER A 109 -12.53 8.61 -9.58
C SER A 109 -11.86 9.02 -8.26
N GLY A 110 -12.15 10.23 -7.77
CA GLY A 110 -11.50 10.74 -6.57
C GLY A 110 -10.29 11.65 -6.83
N GLU A 111 -9.97 11.84 -8.11
CA GLU A 111 -8.86 12.71 -8.49
C GLU A 111 -9.18 14.17 -8.21
N ILE A 112 -8.18 14.94 -7.77
CA ILE A 112 -8.32 16.40 -7.62
C ILE A 112 -7.27 17.05 -8.51
N GLY A 113 -7.58 18.25 -9.01
CA GLY A 113 -6.61 18.99 -9.79
C GLY A 113 -6.94 20.46 -9.95
N VAL A 114 -6.03 21.21 -10.57
CA VAL A 114 -6.33 22.56 -11.02
C VAL A 114 -5.92 22.74 -12.47
N GLU A 115 -6.59 23.66 -13.15
CA GLU A 115 -6.11 24.18 -14.43
C GLU A 115 -5.81 25.65 -14.22
N ILE A 116 -4.78 26.14 -14.91
CA ILE A 116 -4.43 27.55 -14.86
C ILE A 116 -4.03 27.97 -16.27
N ARG A 117 -4.95 28.66 -16.96
CA ARG A 117 -4.81 28.85 -18.40
C ARG A 117 -4.96 30.30 -18.80
N ASP A 118 -4.06 30.75 -19.67
CA ASP A 118 -4.12 32.08 -20.26
C ASP A 118 -3.63 31.96 -21.70
N ALA A 119 -4.52 32.21 -22.67
CA ALA A 119 -4.17 32.01 -24.08
C ALA A 119 -3.13 33.02 -24.53
N GLN A 120 -3.27 34.25 -24.05
CA GLN A 120 -2.36 35.32 -24.48
C GLN A 120 -0.93 35.05 -24.01
N LYS A 121 -0.82 34.42 -22.84
CA LYS A 121 0.49 34.09 -22.29
C LYS A 121 0.99 32.75 -22.81
N GLY A 122 0.17 32.07 -23.59
CA GLY A 122 0.50 30.74 -24.07
C GLY A 122 0.74 29.74 -22.93
N ILE A 123 -0.01 29.89 -21.85
CA ILE A 123 0.12 29.00 -20.70
C ILE A 123 -1.13 28.14 -20.45
N ASN A 124 -0.93 26.81 -20.43
CA ASN A 124 -2.00 25.87 -20.10
C ASN A 124 -1.55 24.83 -19.07
N TYR A 125 -1.55 25.24 -17.80
CA TYR A 125 -1.11 24.34 -16.74
C TYR A 125 -2.24 23.47 -16.24
N LEU A 126 -1.94 22.18 -16.07
CA LEU A 126 -2.87 21.27 -15.40
C LEU A 126 -2.05 20.41 -14.45
N PHE A 127 -2.40 20.48 -13.17
CA PHE A 127 -1.74 19.67 -12.15
C PHE A 127 -2.84 18.88 -11.47
N SER A 128 -2.59 17.60 -11.22
CA SER A 128 -3.61 16.78 -10.57
C SER A 128 -3.00 15.56 -9.89
N ARG A 129 -3.79 14.91 -9.05
CA ARG A 129 -3.42 13.61 -8.53
C ARG A 129 -4.65 12.75 -8.33
N PRO A 130 -4.63 11.53 -8.89
CA PRO A 130 -5.72 10.57 -8.70
C PRO A 130 -5.90 10.27 -7.22
N ALA A 131 -7.03 9.64 -6.85
CA ALA A 131 -7.23 9.14 -5.49
C ALA A 131 -6.84 10.13 -4.36
N SER A 132 -7.41 11.33 -4.39
CA SER A 132 -7.13 12.33 -3.35
C SER A 132 -8.30 12.59 -2.41
N LEU A 133 -9.46 11.99 -2.70
CA LEU A 133 -10.68 12.43 -2.00
C LEU A 133 -11.40 11.32 -1.23
N TRP A 134 -12.18 11.71 -0.23
CA TRP A 134 -13.20 10.83 0.33
C TRP A 134 -14.60 11.24 -0.14
N GLY A 135 -15.50 10.28 -0.21
CA GLY A 135 -16.87 10.55 -0.61
C GLY A 135 -17.84 10.37 0.54
N LYS A 136 -17.80 9.18 1.14
CA LYS A 136 -18.72 8.79 2.21
C LYS A 136 -18.00 7.95 3.26
N HIS A 137 -18.47 8.04 4.50
CA HIS A 137 -17.95 7.22 5.61
C HIS A 137 -19.12 6.95 6.56
N LYS A 138 -19.43 5.67 6.79
CA LYS A 138 -20.58 5.28 7.61
C LYS A 138 -21.87 5.90 7.06
N GLY A 139 -22.03 5.87 5.74
CA GLY A 139 -23.23 6.37 5.12
C GLY A 139 -23.35 7.89 4.97
N GLN A 140 -22.51 8.63 5.69
CA GLN A 140 -22.54 10.10 5.66
C GLN A 140 -21.47 10.69 4.73
N ALA A 141 -21.84 11.76 4.03
CA ALA A 141 -20.92 12.45 3.15
C ALA A 141 -19.74 13.03 3.93
N VAL A 142 -18.52 12.80 3.43
CA VAL A 142 -17.32 13.29 4.09
C VAL A 142 -16.99 14.75 3.71
N GLU A 143 -16.69 15.55 4.72
CA GLU A 143 -16.25 16.91 4.49
C GLU A 143 -14.76 16.87 4.18
N ASN A 144 -14.39 17.05 2.91
CA ASN A 144 -13.00 17.11 2.53
C ASN A 144 -12.48 18.51 2.77
N THR A 145 -11.24 18.60 3.23
CA THR A 145 -10.62 19.90 3.48
C THR A 145 -9.52 20.12 2.47
N LEU A 146 -9.73 21.09 1.59
CA LEU A 146 -8.81 21.34 0.49
C LEU A 146 -8.10 22.68 0.69
N VAL A 147 -6.78 22.67 0.57
CA VAL A 147 -5.99 23.90 0.67
C VAL A 147 -5.12 24.00 -0.57
N PHE A 148 -5.36 25.02 -1.39
CA PHE A 148 -4.54 25.23 -2.59
C PHE A 148 -3.72 26.52 -2.45
N VAL A 149 -2.40 26.38 -2.57
CA VAL A 149 -1.50 27.50 -2.36
C VAL A 149 -0.80 27.85 -3.68
N SER A 150 -1.04 29.07 -4.16
CA SER A 150 -0.42 29.60 -5.37
C SER A 150 0.63 30.63 -4.98
N ASP A 151 1.91 30.25 -5.08
CA ASP A 151 2.99 31.04 -4.49
C ASP A 151 3.87 31.67 -5.58
N SER A 152 3.68 32.97 -5.80
CA SER A 152 4.41 33.67 -6.88
C SER A 152 5.91 33.77 -6.63
N LYS A 153 6.31 33.81 -5.37
CA LYS A 153 7.72 34.01 -5.05
C LYS A 153 8.53 32.75 -5.31
N ASP A 154 8.00 31.60 -4.89
CA ASP A 154 8.66 30.32 -5.17
C ASP A 154 8.25 29.76 -6.54
N LYS A 155 7.35 30.46 -7.23
CA LYS A 155 6.79 29.98 -8.51
C LYS A 155 6.24 28.56 -8.38
N THR A 156 5.43 28.33 -7.35
CA THR A 156 5.05 26.98 -6.97
C THR A 156 3.55 26.91 -6.64
N TYR A 157 2.90 25.85 -7.13
CA TYR A 157 1.50 25.60 -6.83
C TYR A 157 1.43 24.33 -5.99
N THR A 158 0.80 24.42 -4.83
CA THR A 158 0.73 23.26 -3.94
C THR A 158 -0.71 22.97 -3.51
N MET A 159 -1.08 21.70 -3.58
CA MET A 159 -2.42 21.26 -3.24
C MET A 159 -2.41 20.27 -2.07
N TYR A 160 -3.22 20.56 -1.06
CA TYR A 160 -3.38 19.67 0.07
C TYR A 160 -4.84 19.23 0.11
N VAL A 161 -5.08 17.95 0.38
CA VAL A 161 -6.44 17.49 0.63
C VAL A 161 -6.43 16.61 1.86
N ASN A 162 -7.25 17.00 2.85
CA ASN A 162 -7.37 16.24 4.08
C ASN A 162 -6.05 16.08 4.79
N GLY A 163 -5.24 17.14 4.77
CA GLY A 163 -3.97 17.16 5.50
C GLY A 163 -2.84 16.45 4.76
N ILE A 164 -3.10 16.12 3.49
CA ILE A 164 -2.12 15.41 2.69
C ILE A 164 -1.76 16.21 1.46
N GLU A 165 -0.47 16.47 1.29
CA GLU A 165 0.02 17.17 0.10
C GLU A 165 -0.05 16.21 -1.07
N VAL A 166 -0.87 16.54 -2.07
CA VAL A 166 -1.05 15.62 -3.21
C VAL A 166 -0.30 16.06 -4.47
N PHE A 167 0.06 17.34 -4.54
CA PHE A 167 1.05 17.79 -5.51
C PHE A 167 1.68 19.13 -5.11
N SER A 168 2.92 19.31 -5.57
CA SER A 168 3.66 20.57 -5.36
C SER A 168 4.49 20.79 -6.61
N GLU A 169 4.09 21.76 -7.43
CA GLU A 169 4.67 21.93 -8.76
C GLU A 169 5.30 23.31 -8.93
N THR A 170 6.59 23.33 -9.27
CA THR A 170 7.31 24.58 -9.50
C THR A 170 7.39 24.82 -11.00
N VAL A 171 7.21 26.07 -11.43
CA VAL A 171 7.27 26.37 -12.86
C VAL A 171 8.30 27.43 -13.19
N ASP A 172 8.79 27.42 -14.42
CA ASP A 172 9.68 28.46 -14.90
C ASP A 172 8.92 29.78 -15.06
N THR A 173 7.75 29.72 -15.69
CA THR A 173 6.90 30.89 -15.88
C THR A 173 5.65 30.80 -15.01
N PHE A 174 5.62 31.57 -13.93
CA PHE A 174 4.50 31.51 -13.01
C PHE A 174 3.28 32.28 -13.53
N LEU A 175 2.10 31.69 -13.34
CA LEU A 175 0.85 32.38 -13.66
C LEU A 175 -0.02 32.56 -12.42
N PRO A 176 -0.04 33.77 -11.87
CA PRO A 176 -0.92 34.09 -10.74
C PRO A 176 -2.36 33.88 -11.18
N ILE A 177 -3.18 33.26 -10.35
CA ILE A 177 -4.53 32.83 -10.76
C ILE A 177 -5.44 34.03 -10.99
N SER A 178 -5.05 35.16 -10.42
CA SER A 178 -5.85 36.38 -10.46
C SER A 178 -5.43 37.21 -11.66
N ASN A 179 -4.31 36.82 -12.25
CA ASN A 179 -3.67 37.58 -13.31
C ASN A 179 -3.96 37.05 -14.73
N ILE A 180 -4.93 36.15 -14.83
CA ILE A 180 -5.34 35.67 -16.15
C ILE A 180 -6.06 36.79 -16.91
N ASN A 181 -5.65 37.00 -18.16
CA ASN A 181 -6.18 38.08 -19.00
C ASN A 181 -7.72 38.12 -19.09
N GLY A 182 -8.30 39.24 -18.63
CA GLY A 182 -9.73 39.48 -18.77
C GLY A 182 -10.65 38.70 -17.83
N ILE A 183 -10.14 38.20 -16.72
CA ILE A 183 -11.00 37.50 -15.76
C ILE A 183 -12.15 38.41 -15.29
N ASP A 184 -13.38 37.93 -15.41
CA ASP A 184 -14.54 38.71 -15.00
C ASP A 184 -15.59 37.90 -14.24
N LYS A 185 -15.27 36.65 -13.90
CA LYS A 185 -16.20 35.78 -13.18
C LYS A 185 -15.50 34.95 -12.11
N ALA A 186 -16.09 34.91 -10.92
CA ALA A 186 -15.72 33.94 -9.88
C ALA A 186 -16.94 33.06 -9.69
N THR A 187 -16.74 31.74 -9.73
CA THR A 187 -17.86 30.82 -9.79
C THR A 187 -17.68 29.62 -8.88
N LEU A 188 -18.77 29.19 -8.25
CA LEU A 188 -18.76 27.94 -7.51
C LEU A 188 -19.55 26.88 -8.28
N GLY A 189 -18.96 25.71 -8.45
CA GLY A 189 -19.67 24.58 -9.00
C GLY A 189 -19.78 24.56 -10.51
N ALA A 190 -19.02 25.42 -11.17
CA ALA A 190 -18.78 25.35 -12.62
C ALA A 190 -17.66 26.27 -13.01
N VAL A 191 -17.33 26.29 -14.30
CA VAL A 191 -16.46 27.33 -14.85
C VAL A 191 -17.25 28.01 -15.97
N ASN A 192 -17.35 29.33 -15.92
CA ASN A 192 -18.05 30.09 -16.95
C ASN A 192 -17.12 30.34 -18.14
N ARG A 193 -17.39 29.68 -19.27
CA ARG A 193 -16.63 29.89 -20.49
C ARG A 193 -17.55 30.35 -21.62
N GLU A 194 -17.26 31.52 -22.18
CA GLU A 194 -18.09 32.09 -23.26
C GLU A 194 -19.58 32.08 -22.87
N GLY A 195 -19.85 32.43 -21.62
CA GLY A 195 -21.21 32.57 -21.15
C GLY A 195 -21.93 31.30 -20.76
N LYS A 196 -21.24 30.15 -20.82
CA LYS A 196 -21.87 28.88 -20.46
C LYS A 196 -21.22 28.13 -19.29
N GLU A 197 -22.02 27.31 -18.61
CA GLU A 197 -21.56 26.54 -17.44
C GLU A 197 -20.85 25.26 -17.85
N HIS A 198 -19.52 25.26 -17.77
CA HIS A 198 -18.77 24.04 -18.02
C HIS A 198 -18.45 23.33 -16.70
N TYR A 199 -18.30 22.00 -16.77
CA TYR A 199 -17.88 21.24 -15.61
C TYR A 199 -18.84 21.40 -14.42
N LEU A 200 -20.15 21.37 -14.69
CA LEU A 200 -21.17 21.53 -13.65
C LEU A 200 -20.97 20.53 -12.52
N ALA A 201 -21.04 21.03 -11.29
CA ALA A 201 -20.82 20.18 -10.12
C ALA A 201 -22.10 19.75 -9.41
N LYS A 202 -22.04 18.55 -8.81
CA LYS A 202 -23.01 18.09 -7.83
C LYS A 202 -22.26 17.91 -6.51
N GLY A 203 -22.70 18.60 -5.47
CA GLY A 203 -22.06 18.52 -4.16
C GLY A 203 -22.34 19.75 -3.33
N SER A 204 -21.47 20.06 -2.38
CA SER A 204 -21.66 21.25 -1.58
C SER A 204 -20.35 21.78 -1.04
N ILE A 205 -20.32 23.08 -0.80
CA ILE A 205 -19.14 23.74 -0.25
C ILE A 205 -19.58 24.39 1.05
N ASP A 206 -19.33 23.74 2.19
CA ASP A 206 -19.83 24.25 3.45
C ASP A 206 -19.02 25.46 3.90
N GLU A 207 -17.80 25.57 3.37
CA GLU A 207 -16.91 26.68 3.71
C GLU A 207 -15.90 26.95 2.59
N ILE A 208 -15.80 28.20 2.16
CA ILE A 208 -14.71 28.58 1.27
C ILE A 208 -14.10 29.92 1.67
N SER A 209 -12.77 29.94 1.80
CA SER A 209 -12.05 31.15 2.17
C SER A 209 -10.94 31.39 1.16
N LEU A 210 -10.63 32.66 0.90
CA LEU A 210 -9.50 33.02 0.03
C LEU A 210 -8.60 34.03 0.70
N PHE A 211 -7.31 33.96 0.39
CA PHE A 211 -6.30 34.80 1.04
C PHE A 211 -5.41 35.34 -0.04
N ASN A 212 -5.06 36.62 0.06
CA ASN A 212 -4.08 37.22 -0.82
C ASN A 212 -2.69 37.00 -0.25
N LYS A 213 -2.34 35.72 -0.08
CA LYS A 213 -1.05 35.33 0.44
C LYS A 213 -0.85 33.84 0.19
N ALA A 214 0.40 33.42 0.06
CA ALA A 214 0.73 31.99 0.01
C ALA A 214 1.04 31.56 1.44
N ILE A 215 0.07 30.96 2.11
CA ILE A 215 0.30 30.60 3.50
C ILE A 215 1.34 29.47 3.64
N SER A 216 2.14 29.52 4.69
CA SER A 216 3.23 28.54 4.87
C SER A 216 2.70 27.13 5.11
N ASP A 217 3.57 26.15 4.85
CA ASP A 217 3.26 24.75 5.13
C ASP A 217 2.85 24.56 6.60
N GLN A 218 3.44 25.37 7.48
CA GLN A 218 3.14 25.29 8.91
C GLN A 218 1.75 25.81 9.21
N GLU A 219 1.43 26.97 8.65
CA GLU A 219 0.10 27.53 8.79
C GLU A 219 -0.95 26.57 8.22
N VAL A 220 -0.62 25.88 7.13
CA VAL A 220 -1.52 24.88 6.56
C VAL A 220 -1.84 23.78 7.58
N SER A 221 -0.81 23.36 8.31
CA SER A 221 -0.93 22.27 9.26
C SER A 221 -1.83 22.60 10.45
N THR A 222 -2.15 23.88 10.66
CA THR A 222 -3.01 24.27 11.79
C THR A 222 -4.49 24.35 11.43
N ILE A 223 -4.80 24.23 10.14
CA ILE A 223 -6.19 24.24 9.66
C ILE A 223 -6.88 22.95 10.09
N PRO A 224 -7.99 23.07 10.85
CA PRO A 224 -8.70 21.89 11.34
C PRO A 224 -9.24 21.01 10.22
N LEU A 225 -9.21 19.71 10.43
CA LEU A 225 -9.62 18.75 9.43
C LEU A 225 -10.81 17.95 9.95
N SER A 226 -11.58 17.37 9.05
CA SER A 226 -12.68 16.49 9.44
C SER A 226 -12.47 15.12 8.83
N ASN A 227 -11.28 14.57 8.99
CA ASN A 227 -10.94 13.30 8.33
C ASN A 227 -11.68 12.10 8.93
N PRO A 228 -12.14 11.20 8.05
CA PRO A 228 -12.75 9.94 8.51
C PRO A 228 -11.69 8.87 8.77
N PHE A 229 -10.44 9.17 8.40
CA PHE A 229 -9.37 8.19 8.45
C PHE A 229 -8.18 8.70 9.25
N GLN A 230 -7.24 7.80 9.53
CA GLN A 230 -5.95 8.19 10.07
C GLN A 230 -4.83 7.50 9.30
N LEU A 231 -3.61 8.00 9.46
CA LEU A 231 -2.46 7.35 8.84
C LEU A 231 -1.64 6.71 9.95
N ILE A 232 -1.22 5.47 9.70
CA ILE A 232 -0.34 4.74 10.59
C ILE A 232 1.07 4.95 10.05
N PHE A 233 1.26 4.54 8.80
CA PHE A 233 2.49 4.81 8.07
C PHE A 233 2.23 5.99 7.13
N GLN A 234 3.24 6.86 6.97
CA GLN A 234 3.09 8.06 6.14
C GLN A 234 4.45 8.63 5.69
N SER A 235 4.41 9.42 4.63
CA SER A 235 5.60 9.99 4.04
C SER A 235 6.30 10.89 5.05
N GLY A 236 7.60 10.68 5.24
CA GLY A 236 8.36 11.50 6.16
C GLY A 236 8.50 10.88 7.55
N ASP A 237 7.88 9.72 7.76
CA ASP A 237 8.05 9.05 9.05
C ASP A 237 9.41 8.34 9.13
N SER A 238 9.61 7.58 10.19
CA SER A 238 10.89 6.94 10.48
C SER A 238 11.34 5.96 9.39
N THR A 239 10.43 5.49 8.54
CA THR A 239 10.83 4.55 7.49
C THR A 239 11.57 5.30 6.40
N GLN A 240 11.22 6.58 6.24
CA GLN A 240 11.72 7.41 5.13
C GLN A 240 11.34 6.85 3.75
N ALA A 241 10.31 6.00 3.70
CA ALA A 241 9.77 5.60 2.40
C ALA A 241 8.68 6.58 2.04
N ASN A 242 8.61 6.97 0.78
CA ASN A 242 7.58 7.91 0.35
C ASN A 242 6.28 7.20 -0.03
N TYR A 243 6.33 5.86 -0.07
CA TYR A 243 5.20 5.04 -0.56
C TYR A 243 5.03 3.79 0.31
N PHE A 244 3.81 3.25 0.34
CA PHE A 244 3.52 2.08 1.14
C PHE A 244 2.50 1.21 0.44
N ARG A 245 2.66 -0.10 0.56
CA ARG A 245 1.68 -1.04 0.00
C ARG A 245 1.60 -2.28 0.89
N ILE A 246 0.59 -3.10 0.64
CA ILE A 246 0.46 -4.40 1.29
C ILE A 246 0.33 -4.31 2.82
N PRO A 247 -0.76 -3.68 3.31
CA PRO A 247 -0.97 -3.52 4.75
C PRO A 247 -1.40 -4.84 5.40
N THR A 248 -1.00 -5.03 6.67
CA THR A 248 -1.47 -6.15 7.48
C THR A 248 -1.94 -5.60 8.82
N LEU A 249 -2.79 -6.35 9.51
CA LEU A 249 -3.25 -5.99 10.85
C LEU A 249 -3.47 -7.26 11.62
N TYR A 250 -3.12 -7.23 12.91
CA TYR A 250 -3.30 -8.38 13.76
C TYR A 250 -3.48 -7.92 15.21
N THR A 251 -4.49 -8.45 15.88
CA THR A 251 -4.73 -8.10 17.28
C THR A 251 -4.04 -9.11 18.19
N LEU A 252 -3.11 -8.62 19.01
CA LEU A 252 -2.36 -9.48 19.92
C LEU A 252 -3.14 -9.73 21.21
N SER A 253 -2.75 -10.75 21.98
CA SER A 253 -3.54 -11.17 23.13
C SER A 253 -3.54 -10.13 24.25
N SER A 254 -2.47 -9.32 24.33
CA SER A 254 -2.38 -8.27 25.33
C SER A 254 -3.30 -7.11 24.96
N GLY A 255 -3.87 -7.14 23.76
CA GLY A 255 -4.75 -6.06 23.32
C GLY A 255 -4.05 -5.09 22.39
N ARG A 256 -2.73 -5.13 22.37
CA ARG A 256 -1.98 -4.39 21.37
C ARG A 256 -2.35 -4.85 19.97
N VAL A 257 -2.61 -3.88 19.09
CA VAL A 257 -2.88 -4.17 17.68
C VAL A 257 -1.60 -3.86 16.89
N LEU A 258 -1.17 -4.84 16.09
CA LEU A 258 0.08 -4.71 15.35
C LEU A 258 -0.21 -4.59 13.87
N SER A 259 0.58 -3.76 13.19
CA SER A 259 0.48 -3.62 11.75
C SER A 259 1.85 -3.77 11.10
N SER A 260 1.90 -4.44 9.96
CA SER A 260 3.11 -4.45 9.14
C SER A 260 2.76 -3.96 7.75
N ILE A 261 3.78 -3.59 6.97
CA ILE A 261 3.53 -3.01 5.66
C ILE A 261 4.82 -3.02 4.82
N ASP A 262 4.66 -2.98 3.50
CA ASP A 262 5.80 -2.78 2.61
C ASP A 262 6.16 -1.29 2.66
N ALA A 263 7.32 -0.94 3.19
CA ALA A 263 7.81 0.43 3.03
C ALA A 263 8.50 0.49 1.66
N ARG A 264 7.87 1.13 0.68
CA ARG A 264 8.40 1.07 -0.68
C ARG A 264 9.08 2.36 -1.08
N TYR A 265 10.35 2.25 -1.42
CA TYR A 265 11.19 3.40 -1.70
C TYR A 265 11.17 3.86 -3.17
N GLY A 266 11.30 2.93 -4.10
CA GLY A 266 11.33 3.28 -5.52
C GLY A 266 9.94 3.34 -6.13
N GLY A 267 9.14 4.31 -5.71
CA GLY A 267 7.76 4.39 -6.14
C GLY A 267 6.99 3.22 -5.55
N THR A 268 5.81 2.94 -6.10
CA THR A 268 4.98 1.84 -5.58
C THR A 268 5.22 0.52 -6.32
N HIS A 269 6.24 0.47 -7.17
CA HIS A 269 6.58 -0.77 -7.90
C HIS A 269 6.82 -1.98 -6.98
N ASP A 270 6.31 -3.15 -7.38
CA ASP A 270 6.60 -4.44 -6.73
C ASP A 270 8.09 -4.76 -6.85
N SER A 271 8.61 -4.51 -8.05
CA SER A 271 9.90 -5.03 -8.49
C SER A 271 10.16 -4.55 -9.92
N LYS A 272 11.39 -4.14 -10.22
N LYS A 272 11.39 -4.13 -10.22
CA LYS A 272 12.48 -4.10 -9.24
CA LYS A 272 12.49 -4.08 -9.25
C LYS A 272 12.34 -2.89 -8.35
C LYS A 272 12.33 -2.87 -8.34
N SER A 273 12.84 -2.98 -7.11
CA SER A 273 12.78 -1.84 -6.16
C SER A 273 13.61 -2.03 -4.89
N LYS A 274 13.57 -1.03 -4.01
CA LYS A 274 14.00 -1.21 -2.64
C LYS A 274 12.74 -1.17 -1.80
N ILE A 275 12.54 -2.21 -1.00
CA ILE A 275 11.41 -2.29 -0.09
C ILE A 275 11.90 -2.90 1.23
N ASN A 276 11.55 -2.27 2.34
CA ASN A 276 11.73 -2.85 3.68
C ASN A 276 10.36 -3.18 4.25
N ILE A 277 10.31 -4.04 5.26
CA ILE A 277 9.08 -4.31 6.00
C ILE A 277 9.08 -3.50 7.29
N ALA A 278 8.10 -2.61 7.44
CA ALA A 278 7.99 -1.80 8.65
C ALA A 278 6.82 -2.28 9.50
N THR A 279 6.87 -1.99 10.80
CA THR A 279 5.75 -2.29 11.67
C THR A 279 5.43 -1.10 12.58
N SER A 280 4.18 -1.06 13.05
CA SER A 280 3.72 -0.06 14.02
C SER A 280 2.65 -0.73 14.88
N TYR A 281 2.46 -0.26 16.11
CA TYR A 281 1.42 -0.85 16.95
C TYR A 281 0.59 0.21 17.66
N SER A 282 -0.61 -0.19 18.10
CA SER A 282 -1.48 0.71 18.85
C SER A 282 -1.84 0.04 20.15
N ASP A 283 -1.84 0.80 21.24
CA ASP A 283 -2.15 0.23 22.56
C ASP A 283 -3.47 0.77 23.08
N ASP A 284 -4.14 1.57 22.25
CA ASP A 284 -5.42 2.17 22.63
C ASP A 284 -6.51 1.91 21.59
N ASN A 285 -6.61 0.66 21.13
CA ASN A 285 -7.62 0.26 20.15
C ASN A 285 -7.57 1.04 18.82
N GLY A 286 -6.37 1.38 18.36
CA GLY A 286 -6.25 1.99 17.04
C GLY A 286 -6.30 3.51 17.00
N LYS A 287 -6.46 4.14 18.16
CA LYS A 287 -6.54 5.61 18.21
C LYS A 287 -5.21 6.29 17.89
N THR A 288 -4.12 5.74 18.42
CA THR A 288 -2.79 6.24 18.11
C THR A 288 -1.86 5.07 17.84
N TRP A 289 -0.77 5.34 17.14
CA TRP A 289 0.09 4.30 16.61
C TRP A 289 1.54 4.72 16.81
N SER A 290 2.41 3.75 17.07
CA SER A 290 3.82 4.02 17.36
C SER A 290 4.58 4.46 16.11
N GLU A 291 5.68 5.18 16.32
CA GLU A 291 6.55 5.50 15.20
C GLU A 291 7.06 4.15 14.67
N PRO A 292 7.02 3.97 13.35
CA PRO A 292 7.38 2.66 12.79
C PRO A 292 8.84 2.29 13.05
N ILE A 293 9.11 0.98 13.09
CA ILE A 293 10.45 0.44 13.08
C ILE A 293 10.49 -0.57 11.94
N PHE A 294 11.68 -1.09 11.64
CA PHE A 294 11.78 -2.14 10.62
C PHE A 294 11.73 -3.53 11.23
N ALA A 295 10.96 -4.43 10.62
CA ALA A 295 11.01 -5.84 10.98
C ALA A 295 12.05 -6.54 10.11
N MET A 296 12.15 -6.07 8.87
CA MET A 296 13.12 -6.61 7.92
C MET A 296 13.67 -5.47 7.05
N LYS A 297 15.00 -5.33 7.01
CA LYS A 297 15.60 -4.26 6.21
C LYS A 297 16.93 -4.70 5.58
N PHE A 298 17.22 -4.16 4.41
CA PHE A 298 18.54 -4.31 3.82
C PHE A 298 19.24 -2.96 3.83
N ASN A 299 20.58 -2.96 3.75
CA ASN A 299 21.33 -1.70 3.81
C ASN A 299 22.13 -1.39 2.55
N ASP A 300 22.00 -2.20 1.52
CA ASP A 300 22.79 -1.99 0.30
C ASP A 300 22.44 -0.67 -0.38
N TYR A 301 21.20 -0.23 -0.21
CA TYR A 301 20.76 1.05 -0.75
C TYR A 301 20.25 1.88 0.42
N GLU A 302 20.55 3.18 0.39
CA GLU A 302 20.07 4.12 1.39
C GLU A 302 18.54 4.15 1.44
N GLU A 303 17.98 4.33 2.63
CA GLU A 303 16.55 4.59 2.75
C GLU A 303 16.30 6.06 2.40
N GLN A 304 15.87 6.34 1.17
CA GLN A 304 15.65 7.73 0.74
C GLN A 304 14.18 8.02 0.49
N LEU A 305 13.72 9.18 0.96
CA LEU A 305 12.40 9.66 0.63
C LEU A 305 12.52 10.30 -0.76
N VAL A 306 11.94 9.65 -1.77
CA VAL A 306 12.08 10.16 -3.15
C VAL A 306 10.72 10.41 -3.82
N TYR A 307 10.62 11.52 -4.53
CA TYR A 307 9.43 11.80 -5.32
C TYR A 307 9.55 11.13 -6.69
N TRP A 308 8.88 9.99 -6.85
CA TRP A 308 8.99 9.21 -8.07
C TRP A 308 8.20 9.85 -9.21
N PRO A 309 8.83 10.05 -10.37
CA PRO A 309 8.14 10.68 -11.51
C PRO A 309 6.86 9.92 -11.89
N ARG A 310 5.82 10.66 -12.27
CA ARG A 310 4.54 10.08 -12.63
C ARG A 310 4.21 10.29 -14.09
N ASP A 311 5.12 10.94 -14.81
CA ASP A 311 4.94 11.14 -16.25
C ASP A 311 5.16 9.81 -16.98
N ASN A 312 4.58 9.67 -18.16
CA ASN A 312 4.64 8.41 -18.90
C ASN A 312 6.04 7.96 -19.30
N LYS A 313 6.95 8.92 -19.47
CA LYS A 313 8.29 8.59 -19.92
C LYS A 313 9.13 7.95 -18.81
N LEU A 314 8.93 8.40 -17.57
CA LEU A 314 9.79 7.99 -16.47
C LEU A 314 9.13 7.13 -15.38
N LYS A 315 7.80 7.00 -15.39
CA LYS A 315 7.13 6.37 -14.26
C LYS A 315 7.52 4.91 -14.04
N ASN A 316 8.01 4.26 -15.09
CA ASN A 316 8.50 2.87 -14.97
C ASN A 316 9.96 2.74 -14.61
N SER A 317 10.61 3.87 -14.31
CA SER A 317 11.94 3.81 -13.71
C SER A 317 11.88 2.95 -12.45
N GLN A 318 12.88 2.11 -12.26
CA GLN A 318 12.93 1.17 -11.12
C GLN A 318 14.30 1.13 -10.53
N ILE A 319 14.36 1.21 -9.20
CA ILE A 319 15.59 0.87 -8.50
C ILE A 319 15.88 -0.60 -8.82
N SER A 320 16.99 -0.83 -9.54
CA SER A 320 17.22 -2.12 -10.17
C SER A 320 18.33 -2.95 -9.54
N GLY A 321 19.13 -2.34 -8.67
CA GLY A 321 20.25 -3.03 -8.06
C GLY A 321 20.12 -3.32 -6.58
N SER A 322 18.91 -3.15 -6.03
CA SER A 322 18.71 -3.29 -4.59
C SER A 322 18.09 -4.64 -4.23
N ALA A 323 18.52 -5.19 -3.10
CA ALA A 323 17.83 -6.32 -2.52
C ALA A 323 16.55 -5.77 -1.90
N SER A 324 15.58 -6.63 -1.65
CA SER A 324 14.30 -6.14 -1.14
CA SER A 324 14.26 -6.16 -1.25
C SER A 324 13.46 -7.25 -0.55
N PHE A 325 12.49 -6.83 0.26
CA PHE A 325 11.47 -7.73 0.81
C PHE A 325 10.17 -7.35 0.09
N ILE A 326 9.11 -8.15 0.27
CA ILE A 326 7.80 -7.78 -0.26
C ILE A 326 6.76 -8.74 0.33
N ASP A 327 5.55 -8.26 0.62
CA ASP A 327 4.46 -9.10 1.12
C ASP A 327 4.73 -9.71 2.51
N SER A 328 4.24 -9.07 3.58
CA SER A 328 4.43 -9.61 4.93
C SER A 328 3.14 -10.20 5.47
N SER A 329 3.30 -11.07 6.48
CA SER A 329 2.19 -11.74 7.14
C SER A 329 2.54 -11.92 8.62
N ILE A 330 1.55 -11.76 9.50
CA ILE A 330 1.78 -11.81 10.95
C ILE A 330 0.95 -12.89 11.62
N VAL A 331 1.48 -13.51 12.67
CA VAL A 331 0.69 -14.38 13.53
C VAL A 331 1.26 -14.29 14.96
N GLU A 332 0.44 -14.65 15.96
CA GLU A 332 0.93 -14.68 17.33
C GLU A 332 0.87 -16.12 17.85
N ASP A 333 1.90 -16.53 18.57
CA ASP A 333 1.97 -17.90 19.10
C ASP A 333 1.58 -17.90 20.57
N LYS A 334 0.48 -18.58 20.90
CA LYS A 334 0.00 -18.67 22.28
C LYS A 334 1.07 -19.20 23.23
N LYS A 335 1.79 -20.22 22.79
CA LYS A 335 2.70 -20.91 23.72
C LYS A 335 3.92 -20.08 24.15
N SER A 336 4.73 -19.63 23.20
CA SER A 336 5.93 -18.87 23.53
C SER A 336 5.55 -17.43 23.83
N GLY A 337 4.42 -16.99 23.28
CA GLY A 337 4.01 -15.59 23.39
C GLY A 337 4.67 -14.72 22.33
N LYS A 338 5.49 -15.34 21.48
CA LYS A 338 6.20 -14.61 20.41
C LYS A 338 5.25 -14.16 19.31
N THR A 339 5.60 -13.06 18.67
CA THR A 339 4.96 -12.63 17.42
C THR A 339 5.89 -13.08 16.29
N ILE A 340 5.31 -13.67 15.25
CA ILE A 340 6.08 -14.14 14.10
C ILE A 340 5.67 -13.37 12.85
N LEU A 341 6.66 -12.90 12.10
CA LEU A 341 6.41 -12.16 10.86
C LEU A 341 7.20 -12.82 9.76
N LEU A 342 6.53 -13.13 8.65
CA LEU A 342 7.18 -13.69 7.49
C LEU A 342 7.08 -12.66 6.38
N ALA A 343 7.99 -12.75 5.40
CA ALA A 343 7.92 -11.91 4.21
C ALA A 343 8.70 -12.58 3.08
N ASP A 344 8.38 -12.24 1.82
CA ASP A 344 9.22 -12.69 0.71
C ASP A 344 10.53 -11.91 0.75
N VAL A 345 11.62 -12.56 0.34
CA VAL A 345 12.90 -11.86 0.21
C VAL A 345 13.41 -12.03 -1.20
N MET A 346 13.98 -10.96 -1.74
CA MET A 346 14.57 -10.99 -3.06
C MET A 346 15.98 -10.39 -3.02
N PRO A 347 16.96 -11.09 -3.61
CA PRO A 347 18.30 -10.55 -3.77
C PRO A 347 18.29 -9.50 -4.88
N ALA A 348 19.35 -8.72 -4.96
CA ALA A 348 19.48 -7.65 -5.95
C ALA A 348 19.47 -8.17 -7.38
N GLY A 349 19.89 -9.42 -7.57
CA GLY A 349 20.08 -9.99 -8.90
C GLY A 349 18.80 -10.54 -9.51
N ILE A 350 17.75 -10.59 -8.70
CA ILE A 350 16.43 -11.03 -9.15
C ILE A 350 15.98 -10.28 -10.41
N GLY A 351 15.25 -10.99 -11.28
CA GLY A 351 14.66 -10.39 -12.47
C GLY A 351 13.42 -11.19 -12.84
N ASN A 352 12.35 -10.50 -13.22
CA ASN A 352 11.07 -11.17 -13.50
C ASN A 352 11.13 -12.18 -14.65
N ASN A 353 10.83 -13.45 -14.33
CA ASN A 353 10.98 -14.57 -15.27
C ASN A 353 12.44 -14.81 -15.69
N ASN A 354 12.80 -16.07 -15.90
CA ASN A 354 14.21 -16.47 -16.02
C ASN A 354 15.02 -16.19 -14.76
N ALA A 355 14.34 -15.96 -13.64
CA ALA A 355 14.99 -15.73 -12.34
C ALA A 355 14.00 -15.77 -11.16
N ASN A 356 13.97 -16.89 -10.44
CA ASN A 356 14.62 -18.12 -10.89
C ASN A 356 13.66 -19.30 -10.70
N LYS A 357 12.70 -19.40 -11.61
CA LYS A 357 11.95 -20.63 -11.77
C LYS A 357 12.99 -21.71 -12.11
N ALA A 358 12.72 -22.94 -11.68
CA ALA A 358 13.60 -24.11 -11.86
C ALA A 358 14.77 -24.24 -10.87
N ASP A 359 14.83 -23.34 -9.87
CA ASP A 359 15.80 -23.48 -8.79
C ASP A 359 15.32 -22.88 -7.47
N SER A 360 15.48 -23.65 -6.39
CA SER A 360 15.08 -23.20 -5.05
C SER A 360 16.13 -22.31 -4.40
N GLY A 361 17.37 -22.37 -4.90
CA GLY A 361 18.47 -21.64 -4.30
C GLY A 361 19.14 -22.45 -3.21
N PHE A 362 18.64 -23.67 -3.00
CA PHE A 362 19.24 -24.56 -2.03
C PHE A 362 19.75 -25.83 -2.69
N LYS A 363 20.72 -26.48 -2.05
CA LYS A 363 21.21 -27.78 -2.49
C LYS A 363 20.87 -28.83 -1.44
N GLU A 364 20.32 -29.96 -1.87
CA GLU A 364 20.05 -31.06 -0.97
C GLU A 364 21.28 -31.94 -0.89
N ILE A 365 21.75 -32.18 0.34
CA ILE A 365 22.85 -33.11 0.59
C ILE A 365 22.56 -33.87 1.88
N ASN A 366 21.93 -35.04 1.74
CA ASN A 366 21.54 -35.96 2.84
C ASN A 366 20.22 -35.66 3.54
N GLY A 367 19.24 -35.17 2.79
CA GLY A 367 17.94 -34.85 3.36
C GLY A 367 17.94 -33.50 4.03
N HIS A 368 19.08 -32.82 3.94
CA HIS A 368 19.22 -31.46 4.46
C HIS A 368 19.43 -30.46 3.33
N TYR A 369 18.90 -29.25 3.53
CA TYR A 369 19.02 -28.20 2.53
C TYR A 369 20.05 -27.15 2.92
N TYR A 370 20.92 -26.82 1.97
CA TYR A 370 21.95 -25.80 2.21
C TYR A 370 21.88 -24.67 1.17
N LEU A 371 21.93 -23.44 1.65
CA LEU A 371 21.87 -22.26 0.79
C LEU A 371 23.04 -22.21 -0.18
N LYS A 372 22.74 -22.07 -1.47
CA LYS A 372 23.78 -22.05 -2.50
C LYS A 372 24.38 -20.65 -2.62
N LEU A 373 25.64 -20.57 -3.04
CA LEU A 373 26.34 -19.30 -3.22
C LEU A 373 27.23 -19.30 -4.45
N LYS A 374 27.23 -18.19 -5.19
CA LYS A 374 28.15 -18.02 -6.31
C LYS A 374 29.19 -16.98 -5.95
N LYS A 375 30.47 -17.29 -6.18
CA LYS A 375 31.55 -16.32 -5.91
C LYS A 375 31.79 -15.41 -7.09
N ASN A 376 32.15 -14.16 -6.80
CA ASN A 376 32.60 -13.19 -7.78
C ASN A 376 33.58 -13.80 -8.77
N GLY A 377 33.16 -13.94 -10.03
CA GLY A 377 34.04 -14.45 -11.06
C GLY A 377 33.76 -15.88 -11.49
N ASP A 378 32.99 -16.61 -10.70
CA ASP A 378 32.57 -17.95 -11.10
C ASP A 378 31.34 -17.83 -11.99
N ASN A 379 31.10 -18.85 -12.80
CA ASN A 379 29.98 -18.80 -13.74
C ASN A 379 28.86 -19.75 -13.32
N ASP A 380 29.08 -20.49 -12.24
CA ASP A 380 28.05 -21.32 -11.63
C ASP A 380 28.13 -21.22 -10.11
N PHE A 381 27.18 -21.88 -9.42
CA PHE A 381 27.15 -21.83 -7.95
C PHE A 381 27.97 -22.97 -7.36
N ARG A 382 29.19 -22.67 -6.96
CA ARG A 382 30.15 -23.69 -6.57
C ARG A 382 30.35 -23.73 -5.06
N TYR A 383 29.45 -23.07 -4.35
CA TYR A 383 29.56 -22.99 -2.90
C TYR A 383 28.22 -23.27 -2.22
N THR A 384 28.29 -23.64 -0.94
CA THR A 384 27.12 -23.81 -0.12
C THR A 384 27.43 -23.25 1.25
N VAL A 385 26.38 -22.87 1.98
CA VAL A 385 26.50 -22.44 3.35
C VAL A 385 26.13 -23.63 4.24
N ARG A 386 27.13 -24.43 4.61
CA ARG A 386 26.89 -25.59 5.45
C ARG A 386 26.79 -25.19 6.90
N GLU A 387 26.96 -26.18 7.79
CA GLU A 387 26.80 -26.01 9.23
C GLU A 387 27.60 -24.83 9.80
N ASN A 388 26.93 -24.04 10.64
CA ASN A 388 27.51 -22.82 11.21
C ASN A 388 28.07 -21.84 10.18
N GLY A 389 27.33 -21.65 9.10
CA GLY A 389 27.65 -20.62 8.12
C GLY A 389 28.95 -20.80 7.38
N VAL A 390 29.56 -21.97 7.51
CA VAL A 390 30.82 -22.23 6.84
C VAL A 390 30.60 -22.35 5.34
N VAL A 391 31.29 -21.51 4.58
CA VAL A 391 31.17 -21.57 3.12
C VAL A 391 32.05 -22.70 2.59
N TYR A 392 31.42 -23.72 2.02
CA TYR A 392 32.13 -24.88 1.48
C TYR A 392 32.25 -24.75 -0.01
N ASN A 393 33.25 -25.42 -0.57
CA ASN A 393 33.45 -25.45 -2.02
C ASN A 393 33.01 -26.81 -2.56
N GLU A 394 31.94 -26.81 -3.35
CA GLU A 394 31.32 -28.06 -3.78
C GLU A 394 32.10 -28.82 -4.86
N THR A 395 33.16 -28.21 -5.39
CA THR A 395 34.02 -28.87 -6.36
C THR A 395 35.05 -29.74 -5.62
N THR A 396 35.44 -29.26 -4.45
CA THR A 396 36.54 -29.87 -3.69
C THR A 396 36.09 -30.33 -2.29
N ASN A 397 34.80 -30.14 -2.00
CA ASN A 397 34.24 -30.36 -0.65
C ASN A 397 35.06 -29.75 0.50
N LYS A 398 36.04 -28.93 0.11
CA LYS A 398 36.85 -28.19 1.05
C LYS A 398 36.05 -26.99 1.55
N PRO A 399 36.07 -26.77 2.86
CA PRO A 399 35.51 -25.52 3.40
C PRO A 399 36.43 -24.35 3.03
N THR A 400 35.92 -23.12 3.16
CA THR A 400 36.70 -21.93 2.86
C THR A 400 36.98 -21.16 4.14
N ASN A 401 37.76 -20.09 4.00
CA ASN A 401 38.02 -19.20 5.10
C ASN A 401 36.85 -18.22 5.32
N TYR A 402 35.81 -18.34 4.49
CA TYR A 402 34.65 -17.46 4.59
C TYR A 402 33.52 -18.11 5.36
N THR A 403 32.88 -17.34 6.23
CA THR A 403 31.65 -17.77 6.89
C THR A 403 30.53 -16.75 6.70
N ILE A 404 29.29 -17.21 6.79
CA ILE A 404 28.12 -16.35 6.75
C ILE A 404 27.51 -16.26 8.13
N ASN A 405 27.37 -15.05 8.67
CA ASN A 405 26.82 -14.91 10.01
C ASN A 405 25.29 -15.00 10.05
N ASP A 406 24.71 -14.62 11.19
CA ASP A 406 23.28 -14.68 11.38
C ASP A 406 22.54 -13.72 10.48
N LYS A 407 23.14 -12.55 10.25
CA LYS A 407 22.50 -11.52 9.43
C LYS A 407 22.74 -11.71 7.94
N TYR A 408 23.12 -12.93 7.56
CA TYR A 408 23.44 -13.25 6.16
C TYR A 408 24.58 -12.38 5.63
N GLU A 409 25.47 -11.98 6.54
CA GLU A 409 26.63 -11.16 6.19
C GLU A 409 27.92 -11.98 6.04
N VAL A 410 28.78 -11.51 5.13
CA VAL A 410 30.01 -12.24 4.80
C VAL A 410 31.13 -11.87 5.77
N LEU A 411 31.80 -12.90 6.30
CA LEU A 411 32.97 -12.73 7.15
C LEU A 411 34.15 -13.47 6.52
N GLU A 412 35.32 -12.83 6.47
CA GLU A 412 36.53 -13.53 6.06
C GLU A 412 37.46 -13.69 7.25
N GLY A 413 37.78 -14.94 7.59
CA GLY A 413 38.58 -15.24 8.75
C GLY A 413 38.06 -14.62 10.03
N GLY A 414 36.74 -14.47 10.12
CA GLY A 414 36.12 -13.87 11.29
C GLY A 414 35.94 -12.35 11.21
N LYS A 415 36.42 -11.78 10.10
CA LYS A 415 36.40 -10.32 9.93
C LYS A 415 35.28 -9.85 8.97
N SER A 416 34.54 -8.84 9.40
CA SER A 416 33.40 -8.30 8.65
C SER A 416 33.76 -7.58 7.36
N LEU A 417 33.43 -8.20 6.24
CA LEU A 417 33.58 -7.53 4.94
C LEU A 417 32.46 -6.52 4.77
N THR A 418 32.73 -5.48 3.98
CA THR A 418 31.76 -4.42 3.73
C THR A 418 31.60 -4.17 2.22
N VAL A 419 30.52 -3.48 1.85
CA VAL A 419 30.38 -2.94 0.50
C VAL A 419 29.96 -1.49 0.65
N GLU A 420 30.11 -0.73 -0.43
CA GLU A 420 29.73 0.68 -0.43
C GLU A 420 28.25 0.77 -0.76
N GLN A 421 27.53 1.59 0.00
CA GLN A 421 26.09 1.79 -0.19
C GLN A 421 25.76 2.55 -1.46
N TYR A 422 24.57 2.31 -2.02
CA TYR A 422 24.09 3.10 -3.16
C TYR A 422 23.03 4.11 -2.73
N SER A 423 22.99 5.24 -3.43
CA SER A 423 21.88 6.18 -3.37
C SER A 423 21.32 6.36 -4.78
N VAL A 424 20.05 6.75 -4.89
CA VAL A 424 19.45 6.97 -6.21
C VAL A 424 19.03 8.44 -6.36
N ASP A 425 19.00 8.92 -7.61
CA ASP A 425 18.53 10.29 -7.89
C ASP A 425 18.10 10.42 -9.34
N PHE A 426 17.27 11.43 -9.61
CA PHE A 426 16.87 11.76 -10.97
C PHE A 426 17.50 13.09 -11.43
N ASP A 427 18.66 13.43 -10.88
CA ASP A 427 19.28 14.73 -11.20
C ASP A 427 19.63 14.88 -12.68
N SER A 428 19.99 13.79 -13.34
CA SER A 428 20.38 13.83 -14.74
C SER A 428 19.19 13.80 -15.70
N GLY A 429 17.98 13.74 -15.15
CA GLY A 429 16.78 13.61 -15.97
C GLY A 429 16.37 12.17 -16.24
N SER A 430 17.02 11.23 -15.55
CA SER A 430 16.65 9.82 -15.58
C SER A 430 17.26 9.18 -14.35
N LEU A 431 16.77 8.00 -13.96
CA LEU A 431 17.23 7.39 -12.71
C LEU A 431 18.70 6.96 -12.77
N ARG A 432 19.46 7.35 -11.75
CA ARG A 432 20.82 6.83 -11.58
C ARG A 432 20.94 6.19 -10.22
N GLU A 433 21.72 5.11 -10.14
CA GLU A 433 22.00 4.44 -8.87
C GLU A 433 23.52 4.46 -8.68
N ARG A 434 23.98 5.17 -7.67
CA ARG A 434 25.42 5.35 -7.51
C ARG A 434 25.94 5.29 -6.08
N HIS A 435 27.15 4.73 -5.96
CA HIS A 435 27.86 4.67 -4.68
C HIS A 435 27.89 6.02 -3.97
N ASN A 436 27.71 5.99 -2.65
CA ASN A 436 27.54 7.23 -1.90
C ASN A 436 28.60 7.49 -0.84
N GLY A 437 29.63 6.65 -0.80
CA GLY A 437 30.76 6.84 0.10
C GLY A 437 30.67 6.09 1.42
N LYS A 438 29.47 5.63 1.75
CA LYS A 438 29.22 4.93 3.01
C LYS A 438 29.39 3.40 2.90
N GLN A 439 30.10 2.79 3.85
CA GLN A 439 30.29 1.34 3.84
C GLN A 439 29.25 0.66 4.75
N VAL A 440 28.77 -0.50 4.32
CA VAL A 440 27.79 -1.26 5.10
C VAL A 440 28.19 -2.73 5.05
N PRO A 441 27.77 -3.54 6.04
CA PRO A 441 28.21 -4.93 6.04
C PRO A 441 27.88 -5.64 4.72
N MET A 442 28.77 -6.52 4.25
CA MET A 442 28.53 -7.23 3.00
C MET A 442 27.51 -8.36 3.21
N ASN A 443 26.39 -8.30 2.50
CA ASN A 443 25.33 -9.29 2.63
C ASN A 443 25.20 -10.11 1.37
N VAL A 444 24.99 -11.42 1.50
CA VAL A 444 24.88 -12.29 0.32
C VAL A 444 23.72 -11.96 -0.60
N PHE A 445 22.80 -11.10 -0.15
CA PHE A 445 21.70 -10.67 -1.02
C PHE A 445 22.04 -9.45 -1.88
N TYR A 446 23.23 -8.87 -1.69
CA TYR A 446 23.58 -7.59 -2.34
C TYR A 446 24.24 -7.75 -3.72
N LYS A 447 24.09 -6.74 -4.56
CA LYS A 447 24.72 -6.73 -5.88
C LYS A 447 26.27 -6.76 -5.77
N ASP A 448 26.81 -6.01 -4.81
CA ASP A 448 28.26 -5.81 -4.68
C ASP A 448 28.95 -6.90 -3.86
N SER A 449 28.20 -7.94 -3.49
CA SER A 449 28.73 -8.96 -2.59
C SER A 449 29.69 -9.96 -3.25
N LEU A 450 30.74 -10.32 -2.52
CA LEU A 450 31.69 -11.35 -2.94
C LEU A 450 30.99 -12.69 -3.21
N PHE A 451 30.03 -13.04 -2.34
CA PHE A 451 29.19 -14.24 -2.50
C PHE A 451 27.72 -13.88 -2.65
N LYS A 452 27.05 -14.47 -3.65
CA LYS A 452 25.66 -14.12 -3.94
C LYS A 452 24.77 -15.34 -3.88
N VAL A 453 23.58 -15.17 -3.31
CA VAL A 453 22.58 -16.25 -3.36
C VAL A 453 22.02 -16.34 -4.77
N THR A 454 21.31 -17.43 -5.03
CA THR A 454 20.58 -17.61 -6.29
C THR A 454 19.57 -16.47 -6.50
N PRO A 455 19.52 -15.92 -7.73
CA PRO A 455 18.54 -14.85 -7.99
C PRO A 455 17.15 -15.43 -8.09
N THR A 456 16.54 -15.72 -6.94
CA THR A 456 15.17 -16.20 -6.88
C THR A 456 14.47 -15.62 -5.66
N ASN A 457 13.21 -15.97 -5.46
CA ASN A 457 12.47 -15.49 -4.31
C ASN A 457 12.55 -16.51 -3.17
N TYR A 458 12.75 -16.01 -1.95
CA TYR A 458 12.82 -16.84 -0.74
C TYR A 458 11.70 -16.40 0.21
N ILE A 459 11.51 -17.13 1.31
CA ILE A 459 10.65 -16.69 2.39
C ILE A 459 11.51 -16.52 3.65
N ALA A 460 11.41 -15.36 4.31
CA ALA A 460 12.14 -15.06 5.54
C ALA A 460 11.18 -15.04 6.71
N MET A 461 11.69 -15.35 7.90
CA MET A 461 10.91 -15.28 9.12
C MET A 461 11.70 -14.51 10.18
N THR A 462 11.04 -13.59 10.89
CA THR A 462 11.62 -12.97 12.08
C THR A 462 10.66 -13.12 13.25
N THR A 463 11.14 -12.89 14.47
CA THR A 463 10.24 -12.92 15.61
C THR A 463 10.44 -11.70 16.49
N SER A 464 9.44 -11.41 17.31
CA SER A 464 9.55 -10.40 18.35
C SER A 464 9.10 -11.01 19.68
N GLN A 465 9.82 -10.72 20.76
CA GLN A 465 9.46 -11.22 22.09
C GLN A 465 8.88 -10.08 22.94
N ASN A 466 8.72 -8.92 22.31
CA ASN A 466 8.21 -7.73 22.99
C ASN A 466 7.05 -7.12 22.20
N ARG A 467 6.34 -7.96 21.47
CA ARG A 467 5.13 -7.55 20.77
C ARG A 467 5.36 -6.39 19.82
N GLY A 468 6.43 -6.45 19.05
CA GLY A 468 6.63 -5.48 17.98
C GLY A 468 7.47 -4.26 18.35
N GLU A 469 8.10 -4.29 19.53
CA GLU A 469 9.00 -3.20 19.92
C GLU A 469 10.40 -3.39 19.32
N SER A 470 10.75 -4.64 19.02
CA SER A 470 11.99 -4.93 18.28
C SER A 470 11.80 -6.28 17.59
N TRP A 471 12.57 -6.53 16.54
CA TRP A 471 12.47 -7.77 15.78
C TRP A 471 13.85 -8.41 15.65
N GLU A 472 13.91 -9.74 15.69
CA GLU A 472 15.16 -10.46 15.45
C GLU A 472 15.64 -10.31 14.02
N GLN A 473 16.88 -10.73 13.78
CA GLN A 473 17.37 -10.94 12.43
C GLN A 473 16.59 -12.10 11.81
N PHE A 474 16.22 -11.95 10.55
CA PHE A 474 15.40 -12.96 9.89
C PHE A 474 16.20 -14.23 9.59
N LYS A 475 15.48 -15.35 9.53
CA LYS A 475 16.05 -16.59 9.01
C LYS A 475 15.27 -16.99 7.77
N LEU A 476 15.97 -17.55 6.79
CA LEU A 476 15.31 -18.11 5.62
C LEU A 476 14.61 -19.43 5.96
N LEU A 477 13.39 -19.60 5.45
CA LEU A 477 12.71 -20.88 5.54
C LEU A 477 13.28 -21.81 4.47
N PRO A 478 13.26 -23.13 4.73
CA PRO A 478 13.77 -24.11 3.77
C PRO A 478 12.83 -24.31 2.59
N PRO A 479 13.32 -24.96 1.51
CA PRO A 479 12.42 -25.25 0.39
C PRO A 479 11.37 -26.28 0.82
N PHE A 480 10.16 -26.18 0.27
CA PHE A 480 9.09 -27.11 0.63
C PHE A 480 8.67 -27.97 -0.53
N LEU A 481 8.88 -27.48 -1.74
CA LEU A 481 8.45 -28.19 -2.94
C LEU A 481 9.65 -28.80 -3.68
N GLY A 482 10.77 -28.94 -2.96
CA GLY A 482 11.94 -29.59 -3.53
C GLY A 482 13.05 -28.66 -3.97
N GLU A 483 14.23 -29.25 -4.13
CA GLU A 483 15.45 -28.58 -4.55
C GLU A 483 15.30 -27.82 -5.87
N LYS A 484 14.53 -28.38 -6.79
CA LYS A 484 14.39 -27.81 -8.14
C LYS A 484 13.25 -26.80 -8.27
N HIS A 485 12.31 -26.81 -7.35
CA HIS A 485 11.18 -25.89 -7.41
C HIS A 485 11.58 -24.54 -6.82
N ASN A 486 11.28 -23.43 -7.50
CA ASN A 486 11.52 -22.13 -6.88
C ASN A 486 10.54 -21.94 -5.72
N GLY A 487 10.82 -20.99 -4.84
CA GLY A 487 10.03 -20.86 -3.63
C GLY A 487 8.59 -20.38 -3.83
N THR A 488 7.70 -20.81 -2.95
CA THR A 488 6.32 -20.36 -2.99
C THR A 488 6.24 -18.89 -2.59
N TYR A 489 5.06 -18.28 -2.79
CA TYR A 489 4.89 -16.86 -2.50
C TYR A 489 4.00 -16.66 -1.27
N LEU A 490 4.50 -15.91 -0.30
CA LEU A 490 3.77 -15.68 0.96
C LEU A 490 2.46 -14.96 0.70
N CYS A 491 1.40 -15.43 1.36
CA CYS A 491 0.14 -14.68 1.28
C CYS A 491 0.16 -13.53 2.28
N PRO A 492 0.07 -12.28 1.79
CA PRO A 492 0.19 -11.17 2.75
C PRO A 492 -1.04 -11.05 3.63
N GLY A 493 -0.86 -10.54 4.85
CA GLY A 493 -1.98 -10.37 5.76
C GLY A 493 -1.71 -11.02 7.11
N GLN A 494 -2.55 -11.99 7.47
CA GLN A 494 -2.38 -12.70 8.72
C GLN A 494 -2.06 -14.17 8.51
N GLY A 495 -1.28 -14.73 9.42
CA GLY A 495 -1.24 -16.17 9.56
C GLY A 495 -2.40 -16.55 10.45
N LEU A 496 -2.55 -17.85 10.73
CA LEU A 496 -3.67 -18.32 11.53
C LEU A 496 -3.12 -19.04 12.75
N ALA A 497 -3.54 -18.60 13.93
CA ALA A 497 -3.23 -19.29 15.17
C ALA A 497 -4.50 -20.01 15.59
N LEU A 498 -4.49 -21.33 15.47
CA LEU A 498 -5.66 -22.11 15.84
C LEU A 498 -5.96 -21.98 17.33
N LYS A 499 -7.23 -21.79 17.64
CA LYS A 499 -7.65 -21.44 19.00
C LYS A 499 -7.56 -22.58 20.00
N SER A 500 -7.60 -23.82 19.51
CA SER A 500 -7.68 -24.98 20.41
C SER A 500 -6.41 -25.80 20.47
N SER A 501 -5.33 -25.28 19.89
CA SER A 501 -4.03 -25.94 19.92
C SER A 501 -2.90 -24.93 19.72
N ASN A 502 -1.67 -25.45 19.59
CA ASN A 502 -0.50 -24.61 19.34
C ASN A 502 -0.18 -24.43 17.86
N ARG A 503 -1.05 -24.91 17.00
CA ARG A 503 -0.78 -24.89 15.58
C ARG A 503 -0.78 -23.48 14.95
N LEU A 504 0.29 -23.19 14.21
CA LEU A 504 0.40 -21.95 13.43
C LEU A 504 0.40 -22.29 11.94
N ILE A 505 -0.35 -21.51 11.16
CA ILE A 505 -0.42 -21.72 9.72
C ILE A 505 -0.22 -20.42 8.94
N PHE A 506 0.68 -20.45 7.98
CA PHE A 506 0.84 -19.36 7.03
C PHE A 506 0.51 -19.86 5.62
N ALA A 507 -0.41 -19.19 4.94
CA ALA A 507 -0.74 -19.55 3.58
C ALA A 507 0.32 -19.02 2.63
N THR A 508 0.73 -19.83 1.65
CA THR A 508 1.53 -19.37 0.52
C THR A 508 0.90 -19.90 -0.77
N TYR A 509 1.30 -19.34 -1.92
CA TYR A 509 0.83 -19.85 -3.19
C TYR A 509 1.96 -20.11 -4.18
N THR A 510 1.67 -20.93 -5.17
CA THR A 510 2.59 -21.20 -6.25
C THR A 510 1.72 -21.67 -7.41
N SER A 511 2.32 -22.09 -8.52
CA SER A 511 1.54 -22.52 -9.66
C SER A 511 0.77 -23.80 -9.34
N GLY A 512 -0.56 -23.76 -9.53
CA GLY A 512 -1.38 -24.95 -9.38
C GLY A 512 -1.83 -25.32 -7.96
N GLU A 513 -1.41 -24.55 -6.95
CA GLU A 513 -1.83 -24.87 -5.58
C GLU A 513 -1.58 -23.76 -4.55
N LEU A 514 -2.30 -23.86 -3.44
CA LEU A 514 -1.94 -23.13 -2.24
C LEU A 514 -1.03 -24.08 -1.47
N THR A 515 -0.02 -23.52 -0.82
CA THR A 515 0.89 -24.32 -0.04
C THR A 515 0.90 -23.75 1.38
N TYR A 516 0.22 -24.45 2.28
CA TYR A 516 0.10 -23.98 3.64
C TYR A 516 1.33 -24.39 4.42
N LEU A 517 1.90 -23.45 5.18
CA LEU A 517 3.04 -23.76 6.03
C LEU A 517 2.57 -23.96 7.46
N ILE A 518 2.86 -25.13 8.02
CA ILE A 518 2.31 -25.53 9.31
C ILE A 518 3.41 -25.76 10.35
N SER A 519 3.26 -25.11 11.50
CA SER A 519 4.19 -25.31 12.63
C SER A 519 3.40 -25.60 13.90
N ASP A 520 3.87 -26.57 14.66
CA ASP A 520 3.26 -26.91 15.95
C ASP A 520 4.22 -26.61 17.10
N ASP A 521 5.36 -25.99 16.78
CA ASP A 521 6.38 -25.73 17.78
C ASP A 521 6.91 -24.29 17.74
N SER A 522 5.97 -23.33 17.76
CA SER A 522 6.33 -21.90 17.81
C SER A 522 7.19 -21.46 16.63
N GLY A 523 7.04 -22.10 15.48
CA GLY A 523 7.73 -21.67 14.27
C GLY A 523 9.19 -22.09 14.16
N GLN A 524 9.62 -22.99 15.03
CA GLN A 524 10.97 -23.55 14.92
C GLN A 524 11.07 -24.49 13.70
N THR A 525 10.07 -25.35 13.53
CA THR A 525 10.04 -26.23 12.36
C THR A 525 8.74 -26.07 11.58
N TRP A 526 8.81 -26.15 10.26
CA TRP A 526 7.62 -26.02 9.43
C TRP A 526 7.44 -27.24 8.54
N LYS A 527 6.18 -27.55 8.22
CA LYS A 527 5.89 -28.58 7.22
C LYS A 527 4.86 -27.97 6.28
N LYS A 528 4.73 -28.53 5.08
CA LYS A 528 3.74 -27.99 4.15
C LYS A 528 2.50 -28.86 4.02
N SER A 529 1.39 -28.23 3.64
CA SER A 529 0.19 -28.97 3.28
C SER A 529 -0.28 -28.41 1.94
N SER A 530 -0.14 -29.21 0.89
CA SER A 530 -0.47 -28.79 -0.46
C SER A 530 -1.97 -28.93 -0.74
N ALA A 531 -2.53 -27.91 -1.38
CA ALA A 531 -3.95 -27.88 -1.71
C ALA A 531 -4.12 -27.43 -3.16
N SER A 532 -4.43 -28.39 -4.02
CA SER A 532 -4.55 -28.11 -5.45
C SER A 532 -5.65 -27.09 -5.75
N ILE A 533 -5.36 -26.16 -6.66
CA ILE A 533 -6.36 -25.22 -7.13
C ILE A 533 -6.37 -25.25 -8.66
N PRO A 534 -7.55 -25.00 -9.28
CA PRO A 534 -7.71 -25.10 -10.74
C PRO A 534 -7.23 -23.86 -11.49
N PHE A 535 -6.02 -23.41 -11.19
CA PHE A 535 -5.43 -22.26 -11.87
C PHE A 535 -3.94 -22.50 -12.03
N LYS A 536 -3.40 -22.11 -13.18
CA LYS A 536 -1.96 -22.08 -13.36
C LYS A 536 -1.48 -20.62 -13.33
N ASN A 537 -0.28 -20.43 -12.79
CA ASN A 537 0.31 -19.10 -12.57
C ASN A 537 -0.71 -18.03 -12.13
N ALA A 538 -1.44 -18.31 -11.07
CA ALA A 538 -2.36 -17.35 -10.50
C ALA A 538 -1.73 -16.70 -9.26
N THR A 539 -2.08 -15.44 -9.02
CA THR A 539 -1.67 -14.77 -7.80
C THR A 539 -2.74 -15.09 -6.76
N ALA A 540 -2.67 -16.31 -6.22
CA ALA A 540 -3.74 -16.84 -5.38
C ALA A 540 -3.54 -16.44 -3.93
N GLU A 541 -3.54 -15.13 -3.68
CA GLU A 541 -3.42 -14.62 -2.32
C GLU A 541 -4.61 -15.11 -1.49
N ALA A 542 -4.28 -15.78 -0.38
CA ALA A 542 -5.27 -16.50 0.42
C ALA A 542 -5.21 -16.06 1.88
N GLN A 543 -6.38 -15.87 2.49
CA GLN A 543 -6.47 -15.61 3.92
C GLN A 543 -7.46 -16.57 4.58
N MET A 544 -7.19 -16.96 5.82
CA MET A 544 -7.97 -17.98 6.49
C MET A 544 -8.74 -17.47 7.69
N VAL A 545 -9.88 -18.13 7.95
CA VAL A 545 -10.65 -17.93 9.19
C VAL A 545 -10.94 -19.29 9.80
N GLU A 546 -10.97 -19.36 11.13
CA GLU A 546 -11.40 -20.59 11.80
C GLU A 546 -12.91 -20.48 12.06
N LEU A 547 -13.71 -21.25 11.32
CA LEU A 547 -15.16 -21.25 11.54
C LEU A 547 -15.53 -21.82 12.91
N ARG A 548 -14.88 -22.92 13.28
CA ARG A 548 -15.04 -23.52 14.59
C ARG A 548 -13.79 -24.36 14.78
N ASP A 549 -13.61 -24.91 15.97
CA ASP A 549 -12.38 -25.62 16.31
C ASP A 549 -11.96 -26.64 15.24
N GLY A 550 -10.82 -26.36 14.61
CA GLY A 550 -10.24 -27.27 13.64
C GLY A 550 -10.82 -27.18 12.24
N VAL A 551 -11.78 -26.28 12.05
CA VAL A 551 -12.39 -26.05 10.73
C VAL A 551 -11.92 -24.71 10.17
N ILE A 552 -11.10 -24.76 9.13
CA ILE A 552 -10.55 -23.55 8.52
C ILE A 552 -11.17 -23.29 7.16
N ARG A 553 -11.68 -22.08 6.94
CA ARG A 553 -12.00 -21.69 5.58
C ARG A 553 -11.02 -20.64 5.08
N THR A 554 -10.49 -20.90 3.89
CA THR A 554 -9.52 -20.03 3.25
C THR A 554 -10.22 -19.35 2.08
N PHE A 555 -10.20 -18.02 2.04
CA PHE A 555 -10.70 -17.28 0.88
C PHE A 555 -9.53 -16.80 0.06
N PHE A 556 -9.60 -16.95 -1.26
CA PHE A 556 -8.46 -16.53 -2.08
C PHE A 556 -8.78 -15.87 -3.42
N ARG A 557 -7.80 -15.09 -3.86
CA ARG A 557 -7.84 -14.39 -5.14
C ARG A 557 -7.65 -15.37 -6.30
N THR A 558 -8.40 -15.17 -7.39
CA THR A 558 -8.30 -16.06 -8.56
C THR A 558 -8.18 -15.25 -9.86
N THR A 559 -8.29 -15.94 -10.99
CA THR A 559 -8.31 -15.28 -12.30
C THR A 559 -9.69 -15.37 -12.98
N THR A 560 -10.72 -15.66 -12.19
CA THR A 560 -12.07 -15.91 -12.75
C THR A 560 -13.05 -14.76 -12.57
N GLY A 561 -12.67 -13.74 -11.80
CA GLY A 561 -13.57 -12.64 -11.47
C GLY A 561 -14.36 -12.87 -10.20
N LYS A 562 -14.18 -14.04 -9.60
CA LYS A 562 -14.82 -14.35 -8.32
C LYS A 562 -13.77 -14.79 -7.31
N ILE A 563 -14.06 -14.51 -6.04
CA ILE A 563 -13.24 -14.96 -4.92
C ILE A 563 -13.54 -16.44 -4.70
N ALA A 564 -12.49 -17.24 -4.51
CA ALA A 564 -12.67 -18.67 -4.28
C ALA A 564 -12.54 -18.99 -2.80
N TYR A 565 -12.85 -20.22 -2.45
CA TYR A 565 -12.61 -20.71 -1.09
C TYR A 565 -12.47 -22.20 -1.07
N MET A 566 -11.74 -22.69 -0.06
CA MET A 566 -11.69 -24.11 0.26
C MET A 566 -11.76 -24.26 1.77
N THR A 567 -12.01 -25.49 2.23
CA THR A 567 -12.19 -25.76 3.66
C THR A 567 -11.32 -26.93 4.14
N SER A 568 -10.78 -26.81 5.35
CA SER A 568 -10.11 -27.92 6.01
C SER A 568 -10.83 -28.22 7.32
N ARG A 569 -10.91 -29.50 7.70
CA ARG A 569 -11.63 -29.90 8.92
C ARG A 569 -10.73 -30.66 9.87
N ASP A 570 -9.45 -30.72 9.53
CA ASP A 570 -8.47 -31.39 10.36
C ASP A 570 -7.31 -30.45 10.64
N SER A 571 -7.67 -29.20 10.95
CA SER A 571 -6.69 -28.16 11.30
C SER A 571 -5.60 -27.96 10.25
N GLY A 572 -5.97 -28.08 8.97
CA GLY A 572 -5.05 -27.81 7.88
C GLY A 572 -4.32 -29.01 7.27
N GLU A 573 -4.57 -30.22 7.76
CA GLU A 573 -3.88 -31.39 7.20
C GLU A 573 -4.36 -31.61 5.78
N THR A 574 -5.67 -31.63 5.60
CA THR A 574 -6.24 -31.87 4.28
C THR A 574 -7.18 -30.74 3.88
N TRP A 575 -7.39 -30.61 2.58
CA TRP A 575 -8.14 -29.49 2.04
C TRP A 575 -9.19 -29.92 1.02
N SER A 576 -10.33 -29.23 1.05
CA SER A 576 -11.44 -29.54 0.14
C SER A 576 -11.15 -29.04 -1.27
N LYS A 577 -12.05 -29.39 -2.19
CA LYS A 577 -12.04 -28.80 -3.52
C LYS A 577 -12.47 -27.34 -3.44
N VAL A 578 -12.30 -26.63 -4.54
CA VAL A 578 -12.49 -25.18 -4.57
C VAL A 578 -13.90 -24.76 -4.98
N SER A 579 -14.48 -23.81 -4.25
CA SER A 579 -15.78 -23.27 -4.62
C SER A 579 -15.63 -21.77 -4.75
N TYR A 580 -16.65 -21.11 -5.29
CA TYR A 580 -16.55 -19.67 -5.50
C TYR A 580 -17.69 -18.94 -4.81
N ILE A 581 -17.41 -17.70 -4.41
CA ILE A 581 -18.42 -16.83 -3.82
C ILE A 581 -19.16 -16.07 -4.91
N ASP A 582 -20.49 -16.14 -4.88
CA ASP A 582 -21.31 -15.30 -5.76
C ASP A 582 -21.77 -14.11 -4.95
N GLY A 583 -22.00 -12.99 -5.62
CA GLY A 583 -22.44 -11.78 -4.93
C GLY A 583 -21.34 -10.75 -4.75
N ILE A 584 -20.10 -11.15 -5.02
CA ILE A 584 -18.99 -10.20 -5.03
C ILE A 584 -18.22 -10.34 -6.34
N GLN A 585 -17.89 -9.22 -6.97
CA GLN A 585 -17.15 -9.29 -8.21
C GLN A 585 -15.72 -8.75 -8.06
N GLN A 586 -14.75 -9.43 -8.65
CA GLN A 586 -13.42 -8.88 -8.79
C GLN A 586 -13.07 -8.76 -10.27
N THR A 587 -11.91 -8.19 -10.54
CA THR A 587 -11.45 -8.05 -11.91
C THR A 587 -10.89 -9.39 -12.31
N SER A 588 -10.61 -9.54 -13.61
CA SER A 588 -10.00 -10.77 -14.13
C SER A 588 -8.68 -11.09 -13.41
N TYR A 589 -7.91 -10.06 -13.06
CA TYR A 589 -6.59 -10.26 -12.44
C TYR A 589 -6.69 -10.37 -10.93
N GLY A 590 -7.79 -9.85 -10.38
CA GLY A 590 -8.13 -10.07 -8.98
C GLY A 590 -7.42 -9.15 -8.02
N THR A 591 -7.83 -9.19 -6.75
CA THR A 591 -7.23 -8.39 -5.70
C THR A 591 -7.19 -9.21 -4.41
N GLN A 592 -6.21 -8.94 -3.56
CA GLN A 592 -6.13 -9.54 -2.25
C GLN A 592 -7.42 -9.36 -1.48
N VAL A 593 -7.80 -10.39 -0.73
CA VAL A 593 -8.99 -10.36 0.13
C VAL A 593 -8.54 -10.61 1.58
N SER A 594 -8.98 -9.77 2.51
CA SER A 594 -8.67 -10.02 3.92
C SER A 594 -9.93 -10.56 4.59
N ALA A 595 -9.74 -11.33 5.67
CA ALA A 595 -10.87 -12.02 6.29
C ALA A 595 -10.67 -12.27 7.78
N ILE A 596 -11.73 -12.10 8.57
CA ILE A 596 -11.68 -12.52 9.97
C ILE A 596 -12.95 -13.23 10.43
N LYS A 597 -12.79 -14.09 11.44
CA LYS A 597 -13.93 -14.63 12.18
C LYS A 597 -14.28 -13.63 13.29
N TYR A 598 -15.47 -13.03 13.21
CA TYR A 598 -15.88 -12.07 14.24
C TYR A 598 -16.17 -12.84 15.53
N SER A 599 -15.80 -12.29 16.69
CA SER A 599 -15.95 -13.03 17.96
C SER A 599 -17.39 -13.10 18.45
N GLN A 600 -18.23 -12.17 18.02
CA GLN A 600 -19.60 -12.07 18.50
C GLN A 600 -20.57 -12.59 17.45
N LEU A 601 -21.67 -13.18 17.92
CA LEU A 601 -22.73 -13.62 17.02
C LEU A 601 -23.47 -12.44 16.41
N ILE A 602 -23.94 -12.62 15.18
CA ILE A 602 -24.71 -11.58 14.51
C ILE A 602 -26.00 -12.23 13.99
N ASP A 603 -27.13 -11.63 14.33
CA ASP A 603 -28.43 -12.23 14.06
C ASP A 603 -28.47 -13.68 14.56
N GLY A 604 -27.81 -13.92 15.68
CA GLY A 604 -27.78 -15.24 16.32
C GLY A 604 -26.85 -16.26 15.69
N LYS A 605 -26.04 -15.83 14.71
CA LYS A 605 -25.20 -16.75 13.97
C LYS A 605 -23.71 -16.41 14.05
N GLU A 606 -22.86 -17.42 13.85
CA GLU A 606 -21.42 -17.20 13.72
C GLU A 606 -21.20 -16.34 12.49
N ALA A 607 -20.28 -15.39 12.59
CA ALA A 607 -20.05 -14.43 11.52
C ALA A 607 -18.59 -14.36 11.09
N VAL A 608 -18.41 -14.13 9.79
CA VAL A 608 -17.13 -13.95 9.14
C VAL A 608 -17.23 -12.62 8.39
N ILE A 609 -16.17 -11.83 8.41
CA ILE A 609 -16.18 -10.55 7.70
C ILE A 609 -15.07 -10.54 6.64
N LEU A 610 -15.44 -10.25 5.38
CA LEU A 610 -14.50 -10.16 4.27
C LEU A 610 -14.33 -8.72 3.84
N SER A 611 -13.11 -8.35 3.47
CA SER A 611 -12.80 -7.00 2.96
C SER A 611 -12.20 -7.15 1.56
N THR A 612 -12.78 -6.46 0.58
CA THR A 612 -12.40 -6.62 -0.81
C THR A 612 -13.01 -5.50 -1.65
N PRO A 613 -12.35 -5.13 -2.75
CA PRO A 613 -13.08 -4.33 -3.74
C PRO A 613 -14.27 -5.12 -4.25
N ASN A 614 -15.37 -4.45 -4.58
CA ASN A 614 -16.49 -5.14 -5.25
C ASN A 614 -16.75 -4.48 -6.58
N SER A 615 -16.08 -5.00 -7.61
CA SER A 615 -16.09 -4.37 -8.93
C SER A 615 -15.42 -5.29 -9.95
N ARG A 616 -15.98 -5.35 -11.16
CA ARG A 616 -15.36 -6.16 -12.21
C ARG A 616 -14.50 -5.33 -13.18
N SER A 617 -14.39 -4.02 -12.89
CA SER A 617 -13.68 -3.09 -13.75
C SER A 617 -12.28 -2.72 -13.23
N GLY A 618 -12.22 -2.36 -11.95
CA GLY A 618 -10.94 -1.97 -11.37
C GLY A 618 -10.92 -2.22 -9.87
N ARG A 619 -9.88 -1.71 -9.20
CA ARG A 619 -9.80 -1.82 -7.75
C ARG A 619 -10.48 -0.62 -7.11
N LYS A 620 -11.79 -0.75 -6.93
CA LYS A 620 -12.60 0.33 -6.39
C LYS A 620 -13.87 -0.30 -5.84
N GLY A 621 -14.72 0.51 -5.22
CA GLY A 621 -15.94 0.01 -4.61
C GLY A 621 -15.63 -0.90 -3.43
N GLY A 622 -14.81 -0.42 -2.51
CA GLY A 622 -14.44 -1.22 -1.37
C GLY A 622 -15.63 -1.62 -0.51
N GLN A 623 -15.64 -2.87 -0.08
CA GLN A 623 -16.70 -3.36 0.80
C GLN A 623 -16.17 -4.22 1.94
N LEU A 624 -16.86 -4.14 3.07
CA LEU A 624 -16.81 -5.20 4.08
C LEU A 624 -18.09 -5.99 3.86
N VAL A 625 -17.97 -7.31 3.71
CA VAL A 625 -19.14 -8.16 3.50
C VAL A 625 -19.28 -9.08 4.71
N VAL A 626 -20.42 -9.02 5.38
CA VAL A 626 -20.64 -9.84 6.56
C VAL A 626 -21.39 -11.12 6.18
N GLY A 627 -20.75 -12.26 6.43
CA GLY A 627 -21.37 -13.55 6.18
C GLY A 627 -21.78 -14.24 7.48
N LEU A 628 -22.93 -14.90 7.45
CA LEU A 628 -23.38 -15.69 8.60
C LEU A 628 -23.25 -17.17 8.27
N VAL A 629 -22.68 -17.93 9.19
CA VAL A 629 -22.44 -19.35 8.97
C VAL A 629 -23.71 -20.18 9.21
N ASN A 630 -23.98 -21.10 8.28
CA ASN A 630 -25.09 -22.05 8.46
C ASN A 630 -24.55 -23.34 9.06
N LYS A 631 -24.99 -23.64 10.27
CA LYS A 631 -24.47 -24.79 11.02
C LYS A 631 -24.73 -26.15 10.35
N GLU A 632 -25.78 -26.21 9.52
CA GLU A 632 -26.12 -27.46 8.82
C GLU A 632 -24.95 -27.97 8.00
N ASP A 633 -24.23 -27.06 7.36
CA ASP A 633 -23.25 -27.44 6.34
C ASP A 633 -22.03 -26.50 6.26
N ASP A 634 -21.92 -25.56 7.19
CA ASP A 634 -20.86 -24.55 7.16
C ASP A 634 -20.86 -23.69 5.89
N SER A 635 -22.03 -23.57 5.27
CA SER A 635 -22.17 -22.66 4.14
C SER A 635 -22.33 -21.26 4.73
N ILE A 636 -22.00 -20.24 3.94
CA ILE A 636 -22.04 -18.86 4.42
C ILE A 636 -23.02 -18.01 3.61
N ASP A 637 -23.95 -17.38 4.31
CA ASP A 637 -24.91 -16.47 3.66
C ASP A 637 -24.35 -15.05 3.79
N TRP A 638 -23.87 -14.50 2.68
CA TRP A 638 -23.34 -13.13 2.64
C TRP A 638 -24.49 -12.15 2.73
N LYS A 639 -24.78 -11.70 3.94
CA LYS A 639 -26.03 -11.01 4.22
C LYS A 639 -25.94 -9.48 4.21
N TYR A 640 -24.80 -8.94 4.66
CA TYR A 640 -24.63 -7.48 4.74
C TYR A 640 -23.43 -7.01 3.92
N HIS A 641 -23.63 -6.01 3.06
CA HIS A 641 -22.53 -5.36 2.35
C HIS A 641 -22.39 -3.91 2.82
N TYR A 642 -21.26 -3.59 3.43
CA TYR A 642 -20.94 -2.20 3.79
C TYR A 642 -19.98 -1.57 2.79
N ASP A 643 -20.43 -0.52 2.12
CA ASP A 643 -19.58 0.21 1.17
C ASP A 643 -18.62 1.12 1.95
N ILE A 644 -17.31 0.90 1.77
CA ILE A 644 -16.29 1.67 2.49
C ILE A 644 -16.33 3.14 2.09
N ASP A 645 -16.46 3.36 0.78
CA ASP A 645 -16.62 4.71 0.20
C ASP A 645 -17.29 4.46 -1.14
N LEU A 646 -17.34 5.48 -2.01
CA LEU A 646 -18.08 5.36 -3.28
C LEU A 646 -17.64 4.17 -4.14
N PRO A 647 -18.57 3.62 -4.92
CA PRO A 647 -18.25 2.51 -5.83
C PRO A 647 -17.13 2.87 -6.80
N SER A 648 -17.02 4.14 -7.15
CA SER A 648 -16.02 4.60 -8.11
C SER A 648 -14.69 5.00 -7.45
N TYR A 649 -14.65 5.01 -6.12
CA TYR A 649 -13.42 5.40 -5.41
C TYR A 649 -12.54 4.20 -5.11
N GLY A 650 -11.22 4.41 -5.16
CA GLY A 650 -10.25 3.33 -5.12
C GLY A 650 -10.25 2.53 -3.84
N TYR A 651 -9.99 1.24 -3.98
CA TYR A 651 -9.88 0.34 -2.83
C TYR A 651 -9.18 -0.91 -3.33
N ALA A 652 -8.06 -1.24 -2.73
CA ALA A 652 -7.28 -2.37 -3.23
C ALA A 652 -6.95 -3.38 -2.13
N TYR A 653 -5.66 -3.64 -1.92
CA TYR A 653 -5.27 -4.56 -0.85
C TYR A 653 -5.78 -4.05 0.49
N SER A 654 -6.07 -4.96 1.40
CA SER A 654 -6.66 -4.55 2.67
C SER A 654 -6.29 -5.48 3.82
N ALA A 655 -6.44 -4.93 5.03
CA ALA A 655 -6.22 -5.66 6.26
C ALA A 655 -7.37 -5.33 7.20
N ILE A 656 -7.94 -6.35 7.85
CA ILE A 656 -8.97 -6.11 8.85
C ILE A 656 -8.67 -6.89 10.12
N THR A 657 -9.08 -6.34 11.25
CA THR A 657 -8.91 -7.05 12.51
C THR A 657 -10.03 -6.65 13.48
N GLU A 658 -10.48 -7.58 14.31
CA GLU A 658 -11.41 -7.22 15.37
C GLU A 658 -10.58 -6.59 16.50
N LEU A 659 -10.89 -5.34 16.84
CA LEU A 659 -10.16 -4.63 17.90
C LEU A 659 -10.58 -5.20 19.26
N PRO A 660 -9.77 -4.98 20.31
CA PRO A 660 -10.14 -5.56 21.61
C PRO A 660 -11.49 -5.07 22.15
N ASN A 661 -11.99 -3.95 21.65
CA ASN A 661 -13.27 -3.42 22.10
C ASN A 661 -14.41 -3.84 21.17
N HIS A 662 -14.09 -4.77 20.25
CA HIS A 662 -15.04 -5.32 19.29
C HIS A 662 -15.41 -4.41 18.11
N HIS A 663 -14.79 -3.24 18.03
CA HIS A 663 -14.86 -2.48 16.77
C HIS A 663 -14.06 -3.25 15.74
N ILE A 664 -14.13 -2.80 14.49
CA ILE A 664 -13.35 -3.39 13.40
C ILE A 664 -12.33 -2.38 12.88
N GLY A 665 -11.05 -2.74 12.87
CA GLY A 665 -10.03 -1.89 12.29
C GLY A 665 -9.77 -2.30 10.84
N VAL A 666 -9.69 -1.29 9.96
CA VAL A 666 -9.40 -1.54 8.54
C VAL A 666 -8.27 -0.65 8.05
N LEU A 667 -7.18 -1.26 7.60
CA LEU A 667 -6.05 -0.53 6.99
C LEU A 667 -5.97 -0.99 5.54
N PHE A 668 -6.02 -0.05 4.60
CA PHE A 668 -6.22 -0.43 3.20
C PHE A 668 -5.62 0.55 2.20
N GLU A 669 -5.28 0.05 1.02
CA GLU A 669 -4.86 0.89 -0.09
C GLU A 669 -6.07 1.65 -0.64
N LYS A 670 -6.19 2.94 -0.31
CA LYS A 670 -7.32 3.73 -0.83
C LYS A 670 -7.01 4.33 -2.21
N TYR A 671 -6.69 3.47 -3.17
CA TYR A 671 -6.51 3.89 -4.55
C TYR A 671 -6.47 2.64 -5.39
N ASP A 672 -6.43 2.80 -6.70
CA ASP A 672 -6.33 1.62 -7.56
C ASP A 672 -4.87 1.24 -7.75
N SER A 673 -4.39 0.24 -7.00
CA SER A 673 -2.98 -0.12 -7.05
C SER A 673 -2.63 -1.02 -8.25
N TRP A 674 -3.59 -1.23 -9.15
CA TRP A 674 -3.30 -1.91 -10.41
C TRP A 674 -3.07 -0.87 -11.50
N SER A 675 -3.89 0.17 -11.47
CA SER A 675 -3.93 1.16 -12.55
C SER A 675 -2.58 1.82 -12.81
N ARG A 676 -2.21 1.88 -14.09
CA ARG A 676 -0.96 2.52 -14.50
C ARG A 676 -1.03 4.04 -14.35
N ASN A 677 -2.20 4.57 -14.00
CA ASN A 677 -2.37 6.02 -13.87
C ASN A 677 -2.29 6.48 -12.40
N GLU A 678 -2.27 5.51 -11.49
CA GLU A 678 -2.29 5.81 -10.05
C GLU A 678 -1.07 5.24 -9.33
N LEU A 679 0.03 5.11 -10.07
CA LEU A 679 1.31 4.73 -9.49
C LEU A 679 1.88 5.87 -8.64
N HIS A 680 2.66 5.50 -7.64
CA HIS A 680 3.52 6.46 -6.94
C HIS A 680 2.73 7.59 -6.30
N LEU A 681 1.68 7.25 -5.58
CA LEU A 681 0.91 8.20 -4.77
C LEU A 681 1.32 8.04 -3.32
N SER A 682 1.38 9.14 -2.58
CA SER A 682 1.76 9.05 -1.16
C SER A 682 0.55 9.14 -0.25
N ASN A 683 0.63 8.47 0.91
CA ASN A 683 -0.41 8.56 1.94
C ASN A 683 -1.80 8.16 1.43
N VAL A 684 -1.84 7.07 0.66
CA VAL A 684 -3.10 6.49 0.23
C VAL A 684 -3.43 5.20 1.03
N VAL A 685 -2.46 4.67 1.76
CA VAL A 685 -2.78 3.57 2.69
C VAL A 685 -3.34 4.16 3.97
N GLN A 686 -4.63 3.94 4.21
CA GLN A 686 -5.30 4.64 5.32
C GLN A 686 -6.03 3.68 6.27
N TYR A 687 -6.20 4.14 7.51
CA TYR A 687 -6.85 3.34 8.55
C TYR A 687 -8.18 3.95 8.98
N ILE A 688 -9.19 3.11 9.15
CA ILE A 688 -10.47 3.56 9.69
C ILE A 688 -10.98 2.64 10.80
N ASP A 689 -11.85 3.17 11.64
CA ASP A 689 -12.46 2.41 12.73
C ASP A 689 -13.94 2.27 12.42
N LEU A 690 -14.48 1.07 12.55
CA LEU A 690 -15.90 0.84 12.30
C LEU A 690 -16.51 0.02 13.43
N GLU A 691 -17.81 0.17 13.64
CA GLU A 691 -18.55 -0.70 14.55
C GLU A 691 -19.44 -1.61 13.73
N ILE A 692 -19.79 -2.76 14.28
CA ILE A 692 -20.60 -3.74 13.55
C ILE A 692 -21.94 -3.16 13.12
N ASN A 693 -22.53 -2.34 13.98
CA ASN A 693 -23.77 -1.67 13.62
C ASN A 693 -23.63 -0.77 12.39
N ASP A 694 -22.41 -0.30 12.12
CA ASP A 694 -22.19 0.49 10.91
C ASP A 694 -22.34 -0.42 9.69
N LEU A 695 -21.90 -1.67 9.84
CA LEU A 695 -21.89 -2.63 8.74
C LEU A 695 -23.28 -3.19 8.44
N THR A 696 -24.09 -3.36 9.48
CA THR A 696 -25.47 -3.83 9.30
C THR A 696 -26.43 -2.64 9.27
CAA 0H9 B . 8.93 -12.14 -4.26
CAE 0H9 B . 4.87 -11.29 -5.01
CAF 0H9 B . 5.53 -9.92 -6.91
CAG 0H9 B . 6.22 -11.53 -4.71
CAH 0H9 B . 6.88 -10.17 -6.61
CAI 0H9 B . 1.32 -8.64 -6.71
CAJ 0H9 B . 3.09 -10.22 -6.44
CAK 0H9 B . 0.71 -7.26 -6.40
CAN 0H9 B . 4.54 -10.49 -6.11
CAO 0H9 B . 7.22 -10.98 -5.52
NAL 0H9 B . 2.60 -8.92 -6.02
OAB 0H9 B . 0.30 -6.42 -8.81
OAC 0H9 B . -1.54 -7.59 -7.79
OAD 0H9 B . -1.01 -5.36 -7.06
OAM 0H9 B . 8.57 -11.22 -5.23
SAP 0H9 B . -0.44 -6.64 -7.58
S DMS C . -5.97 -11.92 15.07
O DMS C . -6.32 -10.17 14.84
C1 DMS C . -6.67 -12.44 16.65
C2 DMS C . -7.02 -12.86 13.91
S DMS D . 2.28 12.65 -4.36
O DMS D . 0.95 11.70 -3.60
C1 DMS D . 3.90 11.94 -3.95
C2 DMS D . 2.31 12.26 -6.13
#